data_1BML
#
_entry.id   1BML
#
_cell.length_a   80.030
_cell.length_b   125.050
_cell.length_c   86.790
_cell.angle_alpha   90.00
_cell.angle_beta   105.41
_cell.angle_gamma   90.00
#
_symmetry.space_group_name_H-M   'P 1 21 1'
#
loop_
_entity.id
_entity.type
_entity.pdbx_description
1 polymer PLASMIN
2 polymer STREPTOKINASE
#
loop_
_entity_poly.entity_id
_entity_poly.type
_entity_poly.pdbx_seq_one_letter_code
_entity_poly.pdbx_strand_id
1 'polypeptide(L)'
;AAPSFDCGKPQVEPKKCPGRVVGGCVAHPHSWPWQVSLRTRFGMHFCGGTLISPEWVLTAAHCLEKSPRPSSYKVILGAH
QEVNLEPHVQEIEVSRLFLEPTRKDIALLKLSSPAVITDKVIPACLPSPNYVVADRTECFITGWGETQGTFGAGLLKEAQ
LPVIENKVCNRYEFLNGRVQSTELCAGHLAGGTDSCQGDAGGPLVCFEKDKYILQGVTSWGLGCARPNKPGVYVRVSRFV
TWIEGVMRNN
;
A,B
2 'polypeptide(L)'
;SVNNSQLVVSVAGTVEGTNQDISLKFFEIDLTSRPAHGGKTEQGLSPKSKPFATDSGAMPHKLEKADLLKAIQEQLIANV
HSNDDYFEVIDFASDATITDRNGKVYFADKDGSVTLPTQPVQEFLLSGHVRVRPYKEKPIQNQAKSVDVEYTVQFTPLNP
DDDFRPGLKDTKLLKTLAIGDTITSQELLAQAQSILNKTHPGYTIYERDSSIVTHDNDIFRTILPMDQEFTYHVKNREQA
YEINKKSGLNEEINNTDLISEKYYVLKKGEKPYDPFDRSHLKLFTIKYVDVNTNELLKSEQLLTASERNLDFRDLYDPRD
KAKLLYNNLDAFGIMDYTLTGKVEDNHDDTNRIITVYMGKRP
;
C,D
#
# COMPACT_ATOMS: atom_id res chain seq x y z
N ALA A 1 -19.39 10.47 42.83
CA ALA A 1 -20.24 11.64 43.05
C ALA A 1 -21.12 11.93 41.82
N ALA A 2 -21.88 13.02 41.89
CA ALA A 2 -22.78 13.43 40.82
C ALA A 2 -22.01 13.96 39.60
N PRO A 3 -21.07 14.88 39.83
CA PRO A 3 -20.25 15.45 38.76
C PRO A 3 -19.00 14.61 38.40
N SER A 4 -18.57 13.75 39.32
CA SER A 4 -17.38 12.93 39.07
C SER A 4 -17.46 11.51 39.64
N PHE A 5 -16.50 10.69 39.22
CA PHE A 5 -16.38 9.30 39.65
C PHE A 5 -14.87 9.06 39.77
N ASP A 6 -14.14 10.15 39.58
CA ASP A 6 -12.68 10.20 39.61
C ASP A 6 -12.06 9.78 38.28
N CYS A 7 -12.32 10.62 37.27
CA CYS A 7 -11.84 10.39 35.91
C CYS A 7 -10.33 10.48 35.84
N GLY A 8 -9.79 9.98 34.73
CA GLY A 8 -8.34 10.02 34.50
C GLY A 8 -7.43 9.39 35.52
N LYS A 9 -7.96 8.46 36.30
CA LYS A 9 -7.11 7.80 37.27
C LYS A 9 -7.36 6.30 37.11
N PRO A 10 -6.46 5.63 36.36
CA PRO A 10 -6.56 4.19 36.11
C PRO A 10 -6.27 3.48 37.40
N GLN A 11 -6.77 2.26 37.54
CA GLN A 11 -6.49 1.51 38.75
C GLN A 11 -5.21 0.72 38.53
N VAL A 12 -4.88 0.50 37.26
CA VAL A 12 -3.67 -0.22 36.87
C VAL A 12 -2.64 0.82 36.41
N GLU A 13 -1.50 0.89 37.11
CA GLU A 13 -0.44 1.84 36.75
C GLU A 13 0.11 1.48 35.35
N PRO A 14 -0.10 2.37 34.36
CA PRO A 14 0.36 2.13 32.98
C PRO A 14 1.87 2.25 32.81
N LYS A 15 2.41 1.43 31.92
CA LYS A 15 3.83 1.47 31.61
C LYS A 15 3.91 2.64 30.65
N LYS A 16 4.61 3.70 31.03
CA LYS A 16 4.66 4.84 30.14
C LYS A 16 5.74 4.55 29.11
N CYS A 17 5.30 4.12 27.94
CA CYS A 17 6.16 3.73 26.83
C CYS A 17 7.07 4.83 26.32
N PRO A 18 8.37 4.74 26.68
CA PRO A 18 9.49 5.64 26.37
C PRO A 18 9.50 6.41 25.05
N GLY A 19 9.24 7.72 25.17
CA GLY A 19 9.24 8.60 24.02
C GLY A 19 10.67 9.04 23.74
N ARG A 20 11.56 8.05 23.69
CA ARG A 20 12.99 8.23 23.44
C ARG A 20 13.50 9.65 23.70
N VAL A 21 -2.14 1.30 16.15
CA VAL A 21 -0.81 1.75 16.64
C VAL A 21 0.35 1.07 15.90
N VAL A 22 1.48 1.76 15.81
CA VAL A 22 2.68 1.26 15.14
C VAL A 22 3.82 1.59 16.10
N GLY A 23 4.61 0.57 16.47
CA GLY A 23 5.68 0.85 17.40
C GLY A 23 5.07 1.07 18.78
N GLY A 24 5.79 1.75 19.65
CA GLY A 24 5.24 1.96 20.98
C GLY A 24 5.22 0.58 21.60
N CYS A 25 4.19 0.30 22.40
CA CYS A 25 4.11 -1.03 23.02
C CYS A 25 2.72 -1.44 23.38
N VAL A 26 2.63 -2.66 23.90
CA VAL A 26 1.39 -3.24 24.35
C VAL A 26 1.22 -2.75 25.78
N ALA A 27 0.00 -2.33 26.11
CA ALA A 27 -0.27 -1.80 27.45
C ALA A 27 -0.42 -2.85 28.57
N HIS A 28 -0.25 -2.39 29.81
CA HIS A 28 -0.45 -3.25 30.96
C HIS A 28 -1.96 -3.35 30.81
N PRO A 29 -2.53 -4.54 30.94
CA PRO A 29 -3.99 -4.60 30.78
C PRO A 29 -4.82 -3.72 31.72
N HIS A 30 -5.73 -2.97 31.10
CA HIS A 30 -6.64 -2.09 31.82
C HIS A 30 -6.02 -0.89 32.51
N SER A 31 -4.94 -0.36 31.96
CA SER A 31 -4.36 0.80 32.59
C SER A 31 -4.94 2.03 31.91
N TRP A 32 -5.71 1.82 30.84
CA TRP A 32 -6.34 2.92 30.11
C TRP A 32 -7.86 2.67 30.10
N PRO A 33 -8.49 2.73 31.30
CA PRO A 33 -9.92 2.51 31.53
C PRO A 33 -10.96 3.18 30.64
N TRP A 34 -10.76 4.44 30.29
CA TRP A 34 -11.74 5.14 29.44
C TRP A 34 -11.80 4.57 28.02
N GLN A 35 -10.74 3.87 27.64
CA GLN A 35 -10.64 3.31 26.31
C GLN A 35 -11.85 2.45 25.98
N VAL A 36 -12.39 2.65 24.79
CA VAL A 36 -13.53 1.86 24.35
C VAL A 36 -13.23 1.31 22.95
N SER A 37 -13.93 0.22 22.59
CA SER A 37 -13.78 -0.38 21.27
C SER A 37 -15.11 -0.35 20.53
N LEU A 38 -15.14 0.38 19.43
CA LEU A 38 -16.32 0.47 18.58
C LEU A 38 -16.34 -0.78 17.69
N ARG A 39 -17.46 -1.50 17.67
CA ARG A 39 -17.53 -2.72 16.86
C ARG A 39 -18.79 -2.76 16.05
N THR A 40 -18.98 -3.82 15.27
CA THR A 40 -20.18 -3.90 14.44
C THR A 40 -21.17 -4.94 14.99
N ARG A 41 -22.29 -5.12 14.29
CA ARG A 41 -23.29 -6.11 14.70
C ARG A 41 -22.62 -7.49 14.86
N PHE A 42 -21.49 -7.68 14.18
CA PHE A 42 -20.76 -8.92 14.21
C PHE A 42 -19.52 -8.92 15.11
N GLY A 43 -19.23 -7.75 15.69
CA GLY A 43 -18.10 -7.66 16.60
C GLY A 43 -16.75 -7.36 16.00
N MET A 44 -16.74 -6.79 14.80
CA MET A 44 -15.49 -6.45 14.13
C MET A 44 -15.05 -5.07 14.58
N HIS A 45 -13.89 -5.02 15.24
CA HIS A 45 -13.36 -3.74 15.71
C HIS A 45 -13.07 -2.88 14.51
N PHE A 46 -13.54 -1.64 14.57
CA PHE A 46 -13.28 -0.73 13.49
C PHE A 46 -12.85 0.64 14.00
N CYS A 47 -12.97 0.90 15.30
CA CYS A 47 -12.59 2.22 15.81
C CYS A 47 -12.44 2.24 17.31
N GLY A 48 -11.78 3.28 17.79
CA GLY A 48 -11.61 3.46 19.21
C GLY A 48 -12.59 4.53 19.69
N GLY A 49 -12.70 4.70 20.99
CA GLY A 49 -13.59 5.72 21.51
C GLY A 49 -13.15 6.03 22.93
N THR A 50 -13.58 7.15 23.47
CA THR A 50 -13.21 7.44 24.82
C THR A 50 -14.48 7.52 25.64
N LEU A 51 -14.37 7.14 26.90
CA LEU A 51 -15.52 7.17 27.79
C LEU A 51 -15.51 8.48 28.54
N ILE A 52 -16.55 9.27 28.30
CA ILE A 52 -16.69 10.54 28.95
C ILE A 52 -17.41 10.33 30.29
N SER A 53 -18.62 9.81 30.21
CA SER A 53 -19.42 9.50 31.38
C SER A 53 -20.09 8.15 31.10
N PRO A 54 -20.66 7.54 32.13
CA PRO A 54 -21.32 6.24 31.98
C PRO A 54 -22.29 6.08 30.83
N GLU A 55 -22.76 7.18 30.28
CA GLU A 55 -23.73 7.05 29.19
C GLU A 55 -23.23 7.58 27.87
N TRP A 56 -22.11 8.30 27.91
CA TRP A 56 -21.59 8.91 26.70
C TRP A 56 -20.21 8.51 26.25
N VAL A 57 -20.12 8.16 24.97
CA VAL A 57 -18.83 7.78 24.42
C VAL A 57 -18.44 8.79 23.36
N LEU A 58 -17.17 9.19 23.40
CA LEU A 58 -16.64 10.14 22.44
C LEU A 58 -15.76 9.44 21.40
N THR A 59 -16.09 9.64 20.12
CA THR A 59 -15.36 9.03 19.00
C THR A 59 -15.19 10.00 17.83
N ALA A 60 -14.51 9.53 16.78
CA ALA A 60 -14.28 10.31 15.56
C ALA A 60 -15.52 10.20 14.72
N ALA A 61 -16.00 11.33 14.22
CA ALA A 61 -17.24 11.32 13.44
C ALA A 61 -17.22 10.45 12.20
N HIS A 62 -16.04 10.23 11.61
CA HIS A 62 -16.00 9.43 10.41
C HIS A 62 -16.21 7.97 10.68
N CYS A 63 -15.87 7.51 11.89
CA CYS A 63 -16.11 6.11 12.21
C CYS A 63 -17.59 5.77 11.95
N LEU A 64 -18.49 6.74 12.08
CA LEU A 64 -19.89 6.42 11.85
C LEU A 64 -20.40 6.87 10.49
N GLU A 65 -19.51 7.06 9.53
CA GLU A 65 -19.91 7.52 8.20
C GLU A 65 -20.81 6.51 7.46
N LYS A 66 -20.52 5.23 7.67
CA LYS A 66 -21.26 4.16 7.01
C LYS A 66 -22.71 3.97 7.43
N SER A 67 -23.04 4.26 8.69
CA SER A 67 -24.42 4.08 9.13
C SER A 67 -24.90 5.02 10.23
N PRO A 68 -26.02 5.72 9.96
CA PRO A 68 -26.65 6.66 10.88
C PRO A 68 -27.53 5.89 11.85
N ARG A 69 -27.76 4.62 11.53
CA ARG A 69 -28.55 3.71 12.36
C ARG A 69 -27.71 3.28 13.55
N PRO A 70 -28.12 3.66 14.76
CA PRO A 70 -27.35 3.28 15.94
C PRO A 70 -27.36 1.79 16.22
N SER A 71 -28.38 1.12 15.70
CA SER A 71 -28.50 -0.32 15.91
C SER A 71 -27.29 -1.06 15.35
N SER A 72 -26.62 -0.47 14.37
CA SER A 72 -25.47 -1.12 13.74
C SER A 72 -24.14 -0.98 14.43
N TYR A 73 -24.12 -0.38 15.61
CA TYR A 73 -22.86 -0.21 16.34
C TYR A 73 -22.90 -0.87 17.70
N LYS A 74 -21.76 -1.41 18.14
CA LYS A 74 -21.66 -2.06 19.45
C LYS A 74 -20.41 -1.61 20.23
N VAL A 75 -20.63 -1.13 21.45
CA VAL A 75 -19.57 -0.64 22.32
C VAL A 75 -19.02 -1.69 23.26
N ILE A 76 -17.70 -1.85 23.32
CA ILE A 76 -17.11 -2.84 24.22
C ILE A 76 -16.22 -2.13 25.24
N LEU A 77 -16.52 -2.30 26.52
CA LEU A 77 -15.73 -1.63 27.56
C LEU A 77 -14.97 -2.57 28.47
N GLY A 78 -13.83 -2.09 28.97
CA GLY A 78 -13.00 -2.88 29.85
C GLY A 78 -12.36 -4.05 29.15
N ALA A 79 -11.65 -3.78 28.05
CA ALA A 79 -11.01 -4.84 27.28
C ALA A 79 -9.50 -4.71 27.06
N HIS A 80 -8.90 -5.77 26.52
CA HIS A 80 -7.48 -5.78 26.24
C HIS A 80 -7.31 -6.51 24.94
N GLN A 81 -8.16 -7.51 24.77
CA GLN A 81 -8.17 -8.36 23.59
C GLN A 81 -9.07 -7.74 22.52
N GLU A 82 -8.57 -7.66 21.30
CA GLU A 82 -9.37 -7.11 20.22
C GLU A 82 -10.45 -8.08 19.75
N VAL A 83 -10.18 -9.38 19.80
CA VAL A 83 -11.18 -10.33 19.34
C VAL A 83 -11.82 -11.19 20.42
N ASN A 84 -11.08 -12.16 20.93
CA ASN A 84 -11.61 -13.02 21.97
C ASN A 84 -12.06 -12.20 23.19
N LEU A 85 -13.17 -12.62 23.79
CA LEU A 85 -13.76 -11.92 24.92
C LEU A 85 -13.23 -12.20 26.32
N GLU A 86 -13.18 -11.14 27.11
CA GLU A 86 -12.77 -11.23 28.50
C GLU A 86 -14.11 -11.31 29.26
N PRO A 87 -14.20 -12.16 30.29
CA PRO A 87 -15.42 -12.30 31.08
C PRO A 87 -15.98 -10.96 31.58
N HIS A 88 -15.16 -10.25 32.35
CA HIS A 88 -15.49 -8.95 32.95
C HIS A 88 -15.81 -7.81 31.96
N VAL A 89 -15.65 -8.07 30.68
CA VAL A 89 -15.90 -7.07 29.67
C VAL A 89 -17.37 -6.69 29.66
N GLN A 90 -17.67 -5.50 29.13
CA GLN A 90 -19.05 -5.01 29.03
C GLN A 90 -19.38 -4.75 27.55
N GLU A 91 -20.54 -5.21 27.12
CA GLU A 91 -20.97 -5.03 25.74
C GLU A 91 -22.30 -4.30 25.77
N ILE A 92 -22.24 -2.99 25.57
CA ILE A 92 -23.44 -2.15 25.62
C ILE A 92 -23.90 -1.78 24.24
N GLU A 93 -25.17 -1.45 24.11
CA GLU A 93 -25.74 -1.08 22.84
C GLU A 93 -25.68 0.43 22.78
N VAL A 94 -26.07 0.98 21.64
CA VAL A 94 -26.01 2.42 21.44
C VAL A 94 -27.33 2.95 20.95
N SER A 95 -27.89 3.87 21.72
CA SER A 95 -29.17 4.45 21.39
C SER A 95 -29.02 5.71 20.56
N ARG A 96 -27.96 6.48 20.78
CA ARG A 96 -27.82 7.72 20.03
C ARG A 96 -26.48 8.15 19.47
N LEU A 97 -26.57 8.71 18.27
CA LEU A 97 -25.41 9.22 17.52
C LEU A 97 -25.50 10.74 17.45
N PHE A 98 -24.43 11.43 17.82
CA PHE A 98 -24.45 12.89 17.75
C PHE A 98 -23.17 13.43 17.09
N LEU A 99 -23.31 13.84 15.83
CA LEU A 99 -22.17 14.34 15.05
C LEU A 99 -21.98 15.85 15.06
N GLU A 100 -20.80 16.28 15.50
CA GLU A 100 -20.47 17.70 15.56
C GLU A 100 -21.16 18.35 14.34
N PRO A 101 -22.03 19.32 14.60
CA PRO A 101 -22.82 20.07 13.62
C PRO A 101 -22.12 20.74 12.46
N THR A 102 -20.88 21.18 12.65
CA THR A 102 -20.16 21.87 11.59
C THR A 102 -19.20 20.99 10.80
N ARG A 103 -19.63 19.78 10.48
CA ARG A 103 -18.85 18.82 9.70
C ARG A 103 -17.44 18.55 10.22
N LYS A 104 -17.26 18.59 11.53
CA LYS A 104 -15.98 18.31 12.18
C LYS A 104 -15.89 16.79 12.43
N ASP A 105 -14.71 16.29 12.74
CA ASP A 105 -14.54 14.85 12.93
C ASP A 105 -14.70 14.36 14.34
N ILE A 106 -15.72 14.83 15.04
CA ILE A 106 -15.89 14.41 16.42
C ILE A 106 -17.33 13.97 16.56
N ALA A 107 -17.62 13.10 17.51
CA ALA A 107 -18.99 12.67 17.66
C ALA A 107 -19.27 12.02 19.00
N LEU A 108 -20.54 12.08 19.42
CA LEU A 108 -20.94 11.51 20.69
C LEU A 108 -21.87 10.37 20.48
N LEU A 109 -21.67 9.34 21.30
CA LEU A 109 -22.50 8.15 21.25
C LEU A 109 -23.16 8.03 22.58
N LYS A 110 -24.48 7.86 22.57
CA LYS A 110 -25.23 7.72 23.80
C LYS A 110 -25.51 6.24 24.03
N LEU A 111 -25.00 5.71 25.14
CA LEU A 111 -25.20 4.32 25.50
C LEU A 111 -26.68 3.97 25.77
N SER A 112 -27.10 2.80 25.32
CA SER A 112 -28.47 2.34 25.51
C SER A 112 -28.78 2.02 26.94
N SER A 113 -27.75 2.09 27.77
CA SER A 113 -27.86 1.84 29.20
C SER A 113 -26.54 2.36 29.75
N PRO A 114 -26.56 2.97 30.94
CA PRO A 114 -25.28 3.48 31.49
C PRO A 114 -24.28 2.36 31.58
N ALA A 115 -23.00 2.71 31.67
CA ALA A 115 -21.96 1.71 31.77
C ALA A 115 -21.62 1.67 33.23
N VAL A 116 -21.16 0.52 33.70
CA VAL A 116 -20.81 0.36 35.10
C VAL A 116 -19.35 0.68 35.39
N ILE A 117 -19.12 1.75 36.13
CA ILE A 117 -17.76 2.13 36.48
C ILE A 117 -17.20 1.04 37.39
N THR A 118 -15.92 0.71 37.19
CA THR A 118 -15.21 -0.30 37.98
C THR A 118 -13.74 0.01 37.79
N ASP A 119 -12.87 -0.70 38.51
CA ASP A 119 -11.42 -0.49 38.40
C ASP A 119 -10.90 -0.56 36.94
N LYS A 120 -11.62 -1.33 36.14
CA LYS A 120 -11.31 -1.57 34.74
C LYS A 120 -12.14 -0.73 33.77
N VAL A 121 -12.94 0.19 34.29
CA VAL A 121 -13.77 1.03 33.43
C VAL A 121 -14.00 2.39 34.08
N ILE A 122 -13.14 3.34 33.76
CA ILE A 122 -13.21 4.69 34.31
C ILE A 122 -13.05 5.71 33.19
N PRO A 123 -13.99 6.65 33.10
CA PRO A 123 -13.94 7.69 32.06
C PRO A 123 -12.73 8.61 32.21
N ALA A 124 -12.46 9.35 31.14
CA ALA A 124 -11.36 10.30 31.11
C ALA A 124 -11.83 11.69 31.41
N CYS A 125 -10.94 12.55 31.90
CA CYS A 125 -11.35 13.92 32.19
C CYS A 125 -11.36 14.83 30.93
N LEU A 126 -12.42 15.63 30.78
CA LEU A 126 -12.49 16.57 29.67
C LEU A 126 -11.55 17.72 30.03
N PRO A 127 -11.19 18.58 29.05
CA PRO A 127 -10.29 19.71 29.38
C PRO A 127 -11.07 21.02 29.51
N SER A 128 -10.44 22.06 30.06
CA SER A 128 -11.12 23.37 30.17
C SER A 128 -11.33 23.88 28.73
N PRO A 129 -12.44 24.58 28.48
CA PRO A 129 -12.64 25.04 27.11
C PRO A 129 -11.45 25.79 26.53
N ASN A 130 -11.20 25.56 25.25
CA ASN A 130 -10.10 26.21 24.51
C ASN A 130 -8.67 26.06 25.07
N TYR A 131 -8.50 25.12 26.00
CA TYR A 131 -7.19 24.87 26.56
C TYR A 131 -6.29 24.58 25.37
N VAL A 132 -5.03 25.00 25.43
CA VAL A 132 -4.11 24.72 24.31
C VAL A 132 -2.83 24.02 24.79
N VAL A 133 -2.73 22.76 24.41
CA VAL A 133 -1.56 21.97 24.79
C VAL A 133 -0.29 22.58 24.23
N ALA A 134 0.58 23.03 25.12
CA ALA A 134 1.84 23.60 24.68
C ALA A 134 2.57 22.59 23.78
N ASP A 135 3.30 23.11 22.80
CA ASP A 135 4.08 22.31 21.86
C ASP A 135 5.16 21.61 22.62
N ARG A 136 5.55 20.42 22.15
CA ARG A 136 6.59 19.61 22.80
C ARG A 136 6.12 19.04 24.13
N THR A 137 4.82 18.76 24.20
CA THR A 137 4.14 18.23 25.40
C THR A 137 3.85 16.75 25.27
N GLU A 138 4.27 15.96 26.27
CA GLU A 138 4.09 14.50 26.28
C GLU A 138 2.66 13.94 26.55
N CYS A 139 2.08 13.33 25.53
CA CYS A 139 0.76 12.75 25.61
C CYS A 139 0.83 11.34 25.09
N PHE A 140 -0.26 10.57 25.27
CA PHE A 140 -0.31 9.19 24.80
C PHE A 140 -1.49 8.90 23.92
N ILE A 141 -1.39 7.83 23.16
CA ILE A 141 -2.50 7.38 22.33
C ILE A 141 -2.58 5.90 22.63
N THR A 142 -3.76 5.32 22.45
CA THR A 142 -3.89 3.91 22.72
C THR A 142 -4.90 3.36 21.75
N GLY A 143 -4.79 2.09 21.42
CA GLY A 143 -5.74 1.53 20.48
C GLY A 143 -5.61 0.06 20.17
N TRP A 144 -6.27 -0.33 19.09
CA TRP A 144 -6.29 -1.70 18.60
C TRP A 144 -6.27 -1.57 17.08
N GLY A 145 -5.33 -0.81 16.54
CA GLY A 145 -5.32 -0.64 15.10
C GLY A 145 -4.06 -1.04 14.35
N GLU A 146 -4.14 -0.88 13.02
CA GLU A 146 -3.05 -1.18 12.11
C GLU A 146 -1.73 -1.11 12.81
N THR A 147 -1.06 -2.25 12.89
CA THR A 147 0.21 -2.37 13.59
C THR A 147 1.41 -2.34 12.67
N GLN A 148 1.16 -2.59 11.39
CA GLN A 148 2.21 -2.61 10.38
C GLN A 148 3.32 -3.61 10.71
N GLY A 149 2.93 -4.83 11.08
CA GLY A 149 3.92 -5.84 11.39
C GLY A 149 4.64 -5.66 12.72
N THR A 150 4.25 -4.66 13.48
CA THR A 150 4.88 -4.47 14.77
C THR A 150 4.25 -5.42 15.76
N PHE A 151 4.95 -5.61 16.87
CA PHE A 151 4.51 -6.48 17.93
C PHE A 151 3.31 -5.97 18.70
N GLY A 152 2.28 -6.80 18.84
CA GLY A 152 1.10 -6.45 19.61
C GLY A 152 -0.21 -6.50 18.90
N ALA A 153 -0.28 -7.18 17.76
CA ALA A 153 -1.54 -7.24 17.03
C ALA A 153 -2.55 -8.01 17.87
N GLY A 154 -3.76 -7.48 18.03
CA GLY A 154 -4.76 -8.14 18.85
C GLY A 154 -4.89 -7.50 20.22
N LEU A 155 -3.76 -7.26 20.88
CA LEU A 155 -3.75 -6.64 22.19
C LEU A 155 -3.89 -5.13 22.08
N LEU A 156 -4.13 -4.44 23.21
CA LEU A 156 -4.27 -2.99 23.19
C LEU A 156 -2.92 -2.34 23.38
N LYS A 157 -2.55 -1.51 22.40
CA LYS A 157 -1.26 -0.84 22.43
C LYS A 157 -1.35 0.62 22.85
N GLU A 158 -0.21 1.13 23.30
CA GLU A 158 -0.10 2.52 23.70
C GLU A 158 1.20 3.09 23.11
N ALA A 159 1.26 4.42 23.00
CA ALA A 159 2.42 5.11 22.45
C ALA A 159 2.47 6.54 22.97
N GLN A 160 3.66 6.93 23.44
CA GLN A 160 3.86 8.28 23.95
C GLN A 160 4.39 9.23 22.87
N LEU A 161 3.55 10.14 22.39
CA LEU A 161 3.95 11.12 21.39
C LEU A 161 3.99 12.57 21.90
N PRO A 162 4.97 13.34 21.43
CA PRO A 162 5.11 14.74 21.82
C PRO A 162 4.21 15.54 20.88
N VAL A 163 3.64 16.63 21.38
CA VAL A 163 2.78 17.42 20.54
C VAL A 163 3.62 18.40 19.73
N ILE A 164 3.10 18.74 18.55
CA ILE A 164 3.75 19.68 17.66
C ILE A 164 2.80 20.86 17.45
N GLU A 165 3.32 22.06 17.65
CA GLU A 165 2.51 23.26 17.46
C GLU A 165 2.01 23.30 15.99
N ASN A 166 0.79 23.78 15.82
CA ASN A 166 0.15 23.85 14.50
C ASN A 166 0.80 24.66 13.37
N LYS A 167 1.47 25.76 13.70
CA LYS A 167 2.09 26.55 12.67
C LYS A 167 3.16 25.60 12.13
N VAL A 168 4.08 25.22 13.00
CA VAL A 168 5.13 24.30 12.63
C VAL A 168 4.53 23.07 11.95
N CYS A 169 3.49 22.51 12.53
CA CYS A 169 2.91 21.34 11.94
C CYS A 169 2.42 21.57 10.51
N ASN A 170 2.01 22.79 10.19
CA ASN A 170 1.49 23.09 8.86
C ASN A 170 2.48 23.40 7.72
N ARG A 171 3.79 23.40 8.01
CA ARG A 171 4.80 23.66 6.99
C ARG A 171 4.68 22.69 5.82
N TYR A 172 5.27 23.08 4.69
CA TYR A 172 5.24 22.26 3.49
C TYR A 172 5.95 20.96 3.82
N GLU A 173 7.07 21.04 4.54
CA GLU A 173 7.82 19.83 4.88
C GLU A 173 7.13 18.92 5.90
N PHE A 174 5.89 19.25 6.24
CA PHE A 174 5.11 18.47 7.19
C PHE A 174 3.75 18.28 6.60
N LEU A 175 2.72 18.92 7.13
CA LEU A 175 1.43 18.64 6.55
C LEU A 175 0.95 19.66 5.57
N ASN A 176 1.77 20.67 5.34
CA ASN A 176 1.46 21.71 4.36
C ASN A 176 0.06 22.29 4.50
N GLY A 177 -0.12 23.15 5.51
CA GLY A 177 -1.40 23.78 5.78
C GLY A 177 -2.65 22.92 5.59
N ARG A 178 -2.68 21.78 6.25
CA ARG A 178 -3.80 20.89 6.12
C ARG A 178 -4.53 20.83 7.45
N VAL A 179 -3.79 21.12 8.52
CA VAL A 179 -4.38 21.10 9.84
C VAL A 179 -5.19 22.35 10.20
N GLN A 180 -6.44 22.16 10.67
CA GLN A 180 -7.32 23.24 11.12
C GLN A 180 -6.94 23.68 12.53
N SER A 181 -7.54 24.79 12.96
CA SER A 181 -7.30 25.34 14.30
C SER A 181 -7.95 24.42 15.30
N THR A 182 -9.02 23.76 14.86
CA THR A 182 -9.74 22.82 15.70
C THR A 182 -9.15 21.40 15.66
N GLU A 183 -7.83 21.31 15.43
CA GLU A 183 -7.12 20.05 15.34
C GLU A 183 -5.80 20.31 16.00
N LEU A 184 -5.01 19.26 16.14
CA LEU A 184 -3.70 19.39 16.73
C LEU A 184 -2.84 18.22 16.18
N CYS A 185 -1.52 18.35 16.26
CA CYS A 185 -0.59 17.35 15.72
C CYS A 185 0.29 16.78 16.78
N ALA A 186 0.55 15.48 16.68
CA ALA A 186 1.44 14.84 17.62
C ALA A 186 2.08 13.66 16.95
N GLY A 187 3.36 13.50 17.22
CA GLY A 187 4.08 12.39 16.65
C GLY A 187 5.58 12.60 16.87
N HIS A 188 6.38 11.74 16.24
CA HIS A 188 7.83 11.85 16.29
C HIS A 188 8.21 12.24 14.88
N LEU A 189 9.08 13.22 14.78
CA LEU A 189 9.53 13.69 13.49
C LEU A 189 10.27 12.57 12.77
N ALA A 190 10.96 11.74 13.56
CA ALA A 190 11.70 10.63 13.01
C ALA A 190 10.81 9.50 12.50
N GLY A 191 9.56 9.47 12.98
CA GLY A 191 8.61 8.42 12.61
C GLY A 191 8.88 7.14 13.40
N GLY A 192 8.17 6.08 13.08
CA GLY A 192 8.42 4.82 13.80
C GLY A 192 7.29 4.39 14.68
N THR A 193 6.91 5.30 15.57
CA THR A 193 5.83 5.05 16.49
C THR A 193 4.72 5.99 16.11
N ASP A 194 3.56 5.45 15.75
CA ASP A 194 2.40 6.26 15.37
C ASP A 194 1.02 5.57 15.48
N SER A 195 -0.02 6.40 15.60
CA SER A 195 -1.36 5.89 15.67
C SER A 195 -1.77 5.65 14.23
N CYS A 196 -2.09 4.41 13.93
CA CYS A 196 -2.49 4.00 12.60
C CYS A 196 -3.97 3.64 12.50
N GLN A 197 -4.44 3.34 11.30
CA GLN A 197 -5.85 3.02 11.13
C GLN A 197 -6.39 1.81 11.89
N GLY A 198 -7.39 2.13 12.71
CA GLY A 198 -8.08 1.21 13.58
C GLY A 198 -8.06 1.89 14.94
N ASP A 199 -7.42 3.08 14.99
CA ASP A 199 -7.29 3.84 16.21
C ASP A 199 -8.19 5.07 16.14
N ALA A 200 -8.56 5.46 14.93
CA ALA A 200 -9.43 6.60 14.74
C ALA A 200 -10.61 6.54 15.72
N GLY A 201 -10.77 7.60 16.50
CA GLY A 201 -11.87 7.66 17.45
C GLY A 201 -11.39 7.62 18.88
N GLY A 202 -10.25 6.96 19.06
CA GLY A 202 -9.62 6.81 20.37
C GLY A 202 -9.10 8.11 20.94
N PRO A 203 -8.51 8.05 22.15
CA PRO A 203 -7.96 9.20 22.87
C PRO A 203 -6.50 9.64 22.74
N LEU A 204 -6.31 10.95 22.80
CA LEU A 204 -4.99 11.57 22.81
C LEU A 204 -5.16 12.10 24.20
N VAL A 205 -4.33 11.62 25.10
CA VAL A 205 -4.46 11.96 26.51
C VAL A 205 -3.13 12.44 27.07
N CYS A 206 -3.19 13.53 27.85
CA CYS A 206 -1.99 14.12 28.47
C CYS A 206 -2.08 14.19 29.99
N PHE A 207 -0.97 13.88 30.64
CA PHE A 207 -0.93 13.88 32.10
C PHE A 207 -0.75 15.25 32.74
N GLU A 208 -1.79 15.70 33.44
CA GLU A 208 -1.71 16.99 34.12
C GLU A 208 -1.05 16.77 35.48
N LYS A 209 -1.72 17.19 36.55
CA LYS A 209 -1.13 17.04 37.86
C LYS A 209 -1.08 15.60 38.36
N ASP A 210 -2.25 14.97 38.46
CA ASP A 210 -2.33 13.61 38.95
C ASP A 210 -3.23 12.77 38.09
N LYS A 211 -3.76 13.37 37.03
CA LYS A 211 -4.65 12.64 36.14
C LYS A 211 -4.36 12.81 34.64
N TYR A 212 -5.14 12.07 33.86
CA TYR A 212 -5.04 12.06 32.42
C TYR A 212 -6.25 12.77 31.83
N ILE A 213 -6.03 13.93 31.21
CA ILE A 213 -7.14 14.63 30.58
C ILE A 213 -7.21 14.24 29.09
N LEU A 214 -8.42 14.06 28.58
CA LEU A 214 -8.57 13.73 27.18
C LEU A 214 -8.29 15.03 26.39
N GLN A 215 -7.17 15.05 25.68
CA GLN A 215 -6.84 16.23 24.93
C GLN A 215 -7.11 16.17 23.46
N GLY A 216 -7.35 14.97 22.93
CA GLY A 216 -7.62 14.90 21.50
C GLY A 216 -8.28 13.63 21.02
N VAL A 217 -8.75 13.65 19.79
CA VAL A 217 -9.38 12.49 19.22
C VAL A 217 -8.63 12.14 17.92
N THR A 218 -7.98 10.97 17.92
CA THR A 218 -7.25 10.44 16.76
C THR A 218 -8.13 10.60 15.53
N SER A 219 -7.69 11.41 14.57
CA SER A 219 -8.51 11.63 13.37
C SER A 219 -7.94 11.12 12.07
N TRP A 220 -6.74 11.57 11.70
CA TRP A 220 -6.17 11.13 10.43
C TRP A 220 -4.68 11.37 10.38
N GLY A 221 -4.11 10.96 9.26
CA GLY A 221 -2.68 11.12 9.04
C GLY A 221 -2.34 10.62 7.65
N LEU A 222 -1.15 10.96 7.18
CA LEU A 222 -0.68 10.51 5.87
C LEU A 222 0.15 9.31 6.24
N GLY A 223 -0.45 8.13 6.09
CA GLY A 223 0.24 6.91 6.45
C GLY A 223 0.52 6.82 7.94
N CYS A 224 1.51 6.01 8.31
CA CYS A 224 1.83 5.84 9.71
C CYS A 224 3.31 5.72 10.06
N ALA A 225 3.72 6.41 11.10
CA ALA A 225 5.11 6.39 11.54
C ALA A 225 6.13 6.89 10.48
N ARG A 226 5.65 7.51 9.39
CA ARG A 226 6.55 8.07 8.36
C ARG A 226 7.23 9.29 9.02
N PRO A 227 8.54 9.50 8.80
CA PRO A 227 9.18 10.66 9.42
C PRO A 227 8.66 11.97 8.85
N ASN A 228 8.72 13.04 9.65
CA ASN A 228 8.25 14.35 9.25
C ASN A 228 6.80 14.28 8.79
N LYS A 229 6.03 13.41 9.39
CA LYS A 229 4.66 13.29 9.03
C LYS A 229 3.85 12.90 10.27
N PRO A 230 3.74 13.82 11.23
CA PRO A 230 3.02 13.65 12.50
C PRO A 230 1.56 13.38 12.27
N GLY A 231 0.85 12.99 13.33
CA GLY A 231 -0.57 12.68 13.23
C GLY A 231 -1.45 13.84 13.61
N VAL A 232 -2.64 13.85 13.02
CA VAL A 232 -3.62 14.89 13.28
C VAL A 232 -4.83 14.38 14.14
N TYR A 233 -5.06 15.06 15.25
CA TYR A 233 -6.13 14.73 16.16
C TYR A 233 -6.98 15.95 16.37
N VAL A 234 -8.27 15.72 16.62
CA VAL A 234 -9.23 16.79 16.87
C VAL A 234 -8.96 17.48 18.21
N ARG A 235 -8.86 18.81 18.17
CA ARG A 235 -8.64 19.59 19.38
C ARG A 235 -9.88 19.43 20.27
N VAL A 236 -9.74 18.84 21.45
CA VAL A 236 -10.93 18.60 22.28
C VAL A 236 -11.44 19.79 23.09
N SER A 237 -10.52 20.60 23.59
CA SER A 237 -10.86 21.76 24.37
C SER A 237 -11.77 22.68 23.58
N ARG A 238 -11.85 22.45 22.27
CA ARG A 238 -12.68 23.29 21.40
C ARG A 238 -14.09 22.77 21.19
N PHE A 239 -14.49 21.78 21.98
CA PHE A 239 -15.84 21.21 21.85
C PHE A 239 -16.46 20.89 23.19
N VAL A 240 -15.65 20.99 24.23
CA VAL A 240 -16.08 20.73 25.60
C VAL A 240 -17.46 21.33 25.85
N THR A 241 -17.75 22.42 25.18
CA THR A 241 -19.03 23.05 25.36
C THR A 241 -20.07 22.31 24.58
N TRP A 242 -19.88 22.17 23.27
CA TRP A 242 -20.87 21.46 22.48
C TRP A 242 -21.17 20.08 23.10
N ILE A 243 -20.16 19.48 23.72
CA ILE A 243 -20.34 18.19 24.34
C ILE A 243 -21.24 18.41 25.53
N GLU A 244 -20.67 19.04 26.55
CA GLU A 244 -21.37 19.34 27.80
C GLU A 244 -22.84 19.66 27.57
N GLY A 245 -23.12 20.37 26.49
CA GLY A 245 -24.49 20.68 26.21
C GLY A 245 -25.21 19.40 25.91
N VAL A 246 -24.95 18.87 24.73
CA VAL A 246 -25.55 17.64 24.26
C VAL A 246 -25.90 16.63 25.35
N MET A 247 -24.93 16.29 26.21
CA MET A 247 -25.23 15.32 27.26
C MET A 247 -26.38 15.83 28.15
N ARG A 248 -26.23 17.04 28.66
CA ARG A 248 -27.22 17.66 29.53
C ARG A 248 -28.53 17.98 28.84
N ASN A 249 -28.80 17.35 27.71
CA ASN A 249 -30.05 17.60 27.01
C ASN A 249 -30.55 16.27 26.50
N ASN A 250 -29.82 15.20 26.85
CA ASN A 250 -30.20 13.84 26.46
C ASN A 250 -29.67 12.80 27.42
N ALA B 1 45.65 -5.15 -13.97
CA ALA B 1 46.22 -6.32 -14.64
C ALA B 1 45.19 -6.94 -15.58
N ALA B 2 45.55 -8.10 -16.12
CA ALA B 2 44.67 -8.82 -17.04
C ALA B 2 43.58 -9.53 -16.24
N PRO B 3 44.01 -10.37 -15.27
CA PRO B 3 43.02 -11.09 -14.46
C PRO B 3 42.24 -10.16 -13.54
N SER B 4 42.97 -9.34 -12.79
CA SER B 4 42.34 -8.42 -11.85
C SER B 4 42.73 -6.96 -12.14
N PHE B 5 42.16 -6.06 -11.35
CA PHE B 5 42.42 -4.63 -11.42
C PHE B 5 42.22 -4.21 -9.98
N ASP B 6 42.20 -5.22 -9.11
CA ASP B 6 42.00 -5.05 -7.68
C ASP B 6 40.54 -4.71 -7.43
N CYS B 7 39.73 -5.75 -7.36
CA CYS B 7 38.29 -5.62 -7.14
C CYS B 7 37.93 -5.54 -5.68
N GLY B 8 36.74 -5.00 -5.42
CA GLY B 8 36.22 -4.89 -4.07
C GLY B 8 37.04 -4.06 -3.12
N LYS B 9 37.93 -3.25 -3.68
CA LYS B 9 38.76 -2.38 -2.87
C LYS B 9 38.40 -0.97 -3.33
N PRO B 10 37.48 -0.29 -2.61
CA PRO B 10 37.06 1.05 -2.97
C PRO B 10 38.17 2.02 -2.63
N GLN B 11 38.20 3.13 -3.35
CA GLN B 11 39.23 4.13 -3.11
C GLN B 11 38.74 5.08 -2.05
N VAL B 12 37.44 5.07 -1.83
CA VAL B 12 36.82 5.91 -0.81
C VAL B 12 36.31 4.98 0.29
N GLU B 13 36.87 5.10 1.49
CA GLU B 13 36.42 4.27 2.62
C GLU B 13 34.92 4.54 2.87
N PRO B 14 34.07 3.50 2.71
CA PRO B 14 32.61 3.61 2.91
C PRO B 14 32.23 3.65 4.38
N LYS B 15 31.37 4.60 4.74
CA LYS B 15 30.96 4.68 6.15
C LYS B 15 30.19 3.41 6.44
N LYS B 16 30.78 2.51 7.24
CA LYS B 16 30.09 1.27 7.54
C LYS B 16 28.95 1.58 8.52
N CYS B 17 27.86 2.09 7.94
CA CYS B 17 26.66 2.47 8.66
C CYS B 17 26.28 1.38 9.66
N PRO B 18 26.31 1.71 10.96
CA PRO B 18 26.00 0.83 12.10
C PRO B 18 24.73 0.00 11.92
N GLY B 19 24.89 -1.31 12.07
CA GLY B 19 23.74 -2.20 11.90
C GLY B 19 23.21 -2.77 13.20
N ARG B 20 22.70 -1.89 14.06
CA ARG B 20 22.12 -2.27 15.35
C ARG B 20 22.43 -3.70 15.80
N VAL B 21 16.41 1.60 -0.62
CA VAL B 21 16.76 1.27 0.80
C VAL B 21 15.89 2.04 1.79
N VAL B 22 15.51 1.36 2.86
CA VAL B 22 14.71 1.96 3.93
C VAL B 22 15.56 2.01 5.17
N GLY B 23 15.79 3.22 5.68
CA GLY B 23 16.62 3.33 6.86
C GLY B 23 18.07 3.47 6.49
N GLY B 24 18.93 2.69 7.14
CA GLY B 24 20.34 2.80 6.83
C GLY B 24 20.72 4.26 6.79
N CYS B 25 21.43 4.65 5.74
CA CYS B 25 21.87 6.02 5.59
C CYS B 25 22.37 6.20 4.19
N VAL B 26 22.79 7.43 3.93
CA VAL B 26 23.33 7.82 2.64
C VAL B 26 24.81 7.45 2.64
N ALA B 27 25.28 6.97 1.49
CA ALA B 27 26.66 6.51 1.32
C ALA B 27 27.70 7.58 1.00
N HIS B 28 28.92 7.39 1.48
CA HIS B 28 30.01 8.33 1.15
C HIS B 28 30.06 8.21 -0.36
N PRO B 29 30.08 9.34 -1.08
CA PRO B 29 30.10 9.15 -2.53
C PRO B 29 31.16 8.19 -3.06
N HIS B 30 30.73 7.39 -4.03
CA HIS B 30 31.61 6.43 -4.66
C HIS B 30 32.38 5.62 -3.64
N SER B 31 31.69 5.27 -2.55
CA SER B 31 32.29 4.44 -1.52
C SER B 31 31.93 3.01 -1.95
N TRP B 32 31.00 2.91 -2.89
CA TRP B 32 30.55 1.62 -3.42
C TRP B 32 30.69 1.66 -4.94
N PRO B 33 31.94 1.61 -5.43
CA PRO B 33 32.39 1.64 -6.84
C PRO B 33 31.68 0.77 -7.88
N TRP B 34 31.17 -0.40 -7.46
CA TRP B 34 30.51 -1.33 -8.38
C TRP B 34 29.01 -1.08 -8.58
N GLN B 35 28.46 -0.19 -7.78
CA GLN B 35 27.03 0.12 -7.86
C GLN B 35 26.66 0.62 -9.23
N VAL B 36 25.76 -0.11 -9.88
CA VAL B 36 25.31 0.24 -11.21
C VAL B 36 23.86 0.67 -11.14
N SER B 37 23.41 1.48 -12.10
CA SER B 37 22.03 1.93 -12.11
C SER B 37 21.43 1.55 -13.44
N LEU B 38 20.53 0.58 -13.41
CA LEU B 38 19.88 0.14 -14.62
C LEU B 38 18.88 1.21 -14.98
N ARG B 39 18.93 1.69 -16.21
CA ARG B 39 18.02 2.75 -16.59
C ARG B 39 17.28 2.60 -17.92
N THR B 40 16.21 3.37 -18.05
CA THR B 40 15.41 3.32 -19.24
C THR B 40 16.01 4.18 -20.36
N ARG B 41 15.42 4.06 -21.56
CA ARG B 41 15.88 4.82 -22.71
C ARG B 41 15.74 6.29 -22.37
N PHE B 42 14.75 6.59 -21.53
CA PHE B 42 14.48 7.94 -21.11
C PHE B 42 15.18 8.32 -19.81
N GLY B 43 16.13 7.48 -19.40
CA GLY B 43 16.89 7.77 -18.20
C GLY B 43 16.30 7.50 -16.83
N MET B 44 15.24 6.70 -16.75
CA MET B 44 14.60 6.37 -15.47
C MET B 44 15.27 5.21 -14.75
N HIS B 45 15.72 5.47 -13.54
CA HIS B 45 16.31 4.44 -12.72
C HIS B 45 15.20 3.43 -12.43
N PHE B 46 15.54 2.19 -12.16
CA PHE B 46 14.50 1.23 -11.86
C PHE B 46 15.05 -0.05 -11.25
N CYS B 47 16.36 -0.22 -11.31
CA CYS B 47 17.00 -1.40 -10.75
C CYS B 47 18.46 -1.12 -10.51
N GLY B 48 19.13 -2.01 -9.78
CA GLY B 48 20.54 -1.83 -9.47
C GLY B 48 21.40 -2.84 -10.19
N GLY B 49 22.69 -2.81 -9.93
CA GLY B 49 23.52 -3.77 -10.61
C GLY B 49 24.92 -3.70 -10.07
N THR B 50 25.62 -4.82 -10.14
CA THR B 50 27.00 -4.85 -9.67
C THR B 50 27.85 -4.96 -10.93
N LEU B 51 29.07 -4.44 -10.86
CA LEU B 51 29.96 -4.53 -12.00
C LEU B 51 30.93 -5.64 -11.72
N ILE B 52 30.72 -6.77 -12.38
CA ILE B 52 31.59 -7.94 -12.21
C ILE B 52 32.96 -7.67 -12.81
N SER B 53 32.91 -7.15 -14.04
CA SER B 53 34.11 -6.84 -14.79
C SER B 53 33.74 -5.75 -15.78
N PRO B 54 34.75 -5.13 -16.40
CA PRO B 54 34.65 -4.05 -17.38
C PRO B 54 33.59 -4.20 -18.45
N GLU B 55 33.22 -5.42 -18.79
CA GLU B 55 32.20 -5.56 -19.82
C GLU B 55 30.92 -6.21 -19.35
N TRP B 56 30.89 -6.59 -18.08
CA TRP B 56 29.75 -7.29 -17.51
C TRP B 56 29.04 -6.70 -16.30
N VAL B 57 27.71 -6.77 -16.34
CA VAL B 57 26.89 -6.31 -15.23
C VAL B 57 26.03 -7.42 -14.67
N LEU B 58 26.18 -7.68 -13.37
CA LEU B 58 25.37 -8.71 -12.73
C LEU B 58 24.14 -8.04 -12.11
N THR B 59 22.97 -8.32 -12.69
CA THR B 59 21.72 -7.76 -12.23
C THR B 59 20.74 -8.89 -11.87
N ALA B 60 19.50 -8.52 -11.56
CA ALA B 60 18.43 -9.45 -11.19
C ALA B 60 17.48 -9.66 -12.37
N ALA B 61 17.33 -10.91 -12.78
CA ALA B 61 16.51 -11.25 -13.92
C ALA B 61 15.19 -10.52 -14.09
N HIS B 62 14.45 -10.27 -13.01
CA HIS B 62 13.16 -9.61 -13.19
C HIS B 62 13.25 -8.16 -13.57
N CYS B 63 14.44 -7.57 -13.45
CA CYS B 63 14.62 -6.17 -13.83
C CYS B 63 14.43 -6.07 -15.33
N LEU B 64 14.67 -7.18 -16.04
CA LEU B 64 14.57 -7.22 -17.50
C LEU B 64 13.29 -7.79 -18.08
N GLU B 65 12.34 -8.14 -17.23
CA GLU B 65 11.08 -8.74 -17.70
C GLU B 65 10.36 -7.96 -18.78
N LYS B 66 10.10 -6.69 -18.55
CA LYS B 66 9.36 -5.88 -19.51
C LYS B 66 9.91 -5.84 -20.96
N SER B 67 11.20 -6.14 -21.13
CA SER B 67 11.79 -6.13 -22.46
C SER B 67 13.13 -6.84 -22.53
N PRO B 68 13.34 -7.61 -23.61
CA PRO B 68 14.54 -8.39 -23.91
C PRO B 68 15.49 -7.72 -24.92
N ARG B 69 15.13 -6.51 -25.34
CA ARG B 69 15.92 -5.74 -26.31
C ARG B 69 16.95 -4.93 -25.57
N PRO B 70 18.23 -5.26 -25.74
CA PRO B 70 19.32 -4.55 -25.08
C PRO B 70 19.22 -3.05 -25.29
N SER B 71 18.47 -2.65 -26.31
CA SER B 71 18.33 -1.25 -26.61
C SER B 71 17.44 -0.50 -25.62
N SER B 72 16.59 -1.20 -24.88
CA SER B 72 15.74 -0.49 -23.93
C SER B 72 16.45 -0.18 -22.60
N TYR B 73 17.73 -0.56 -22.50
CA TYR B 73 18.47 -0.35 -21.25
C TYR B 73 19.65 0.59 -21.41
N LYS B 74 20.07 1.15 -20.30
CA LYS B 74 21.16 2.08 -20.28
C LYS B 74 21.75 1.92 -18.90
N VAL B 75 23.05 1.67 -18.84
CA VAL B 75 23.75 1.48 -17.57
C VAL B 75 24.46 2.75 -17.17
N ILE B 76 24.53 3.02 -15.87
CA ILE B 76 25.21 4.22 -15.43
C ILE B 76 26.18 3.94 -14.27
N LEU B 77 27.44 4.34 -14.41
CA LEU B 77 28.39 4.07 -13.35
C LEU B 77 29.13 5.26 -12.79
N GLY B 78 29.47 5.15 -11.50
CA GLY B 78 30.19 6.20 -10.79
C GLY B 78 29.26 7.27 -10.22
N ALA B 79 27.96 6.98 -10.18
CA ALA B 79 26.99 7.94 -9.69
C ALA B 79 26.78 7.97 -8.19
N HIS B 80 26.09 9.01 -7.74
CA HIS B 80 25.75 9.16 -6.35
C HIS B 80 24.35 9.71 -6.27
N GLN B 81 23.96 10.35 -7.36
CA GLN B 81 22.65 10.96 -7.49
C GLN B 81 21.79 9.95 -8.23
N GLU B 82 20.48 10.14 -8.22
CA GLU B 82 19.61 9.20 -8.89
C GLU B 82 18.90 9.81 -10.09
N VAL B 83 18.83 11.14 -10.14
CA VAL B 83 18.17 11.80 -11.26
C VAL B 83 19.10 12.71 -12.04
N ASN B 84 19.34 13.91 -11.53
CA ASN B 84 20.25 14.80 -12.22
C ASN B 84 21.48 13.95 -12.41
N LEU B 85 22.17 14.17 -13.52
CA LEU B 85 23.36 13.40 -13.87
C LEU B 85 24.68 14.09 -13.51
N GLU B 86 25.63 13.38 -12.90
CA GLU B 86 26.95 13.99 -12.60
C GLU B 86 27.84 13.87 -13.86
N PRO B 87 28.91 14.68 -13.95
CA PRO B 87 29.80 14.64 -15.12
C PRO B 87 30.48 13.27 -15.33
N HIS B 88 31.61 13.08 -14.63
CA HIS B 88 32.40 11.86 -14.69
C HIS B 88 31.59 10.55 -14.84
N VAL B 89 30.30 10.63 -14.65
CA VAL B 89 29.47 9.45 -14.78
C VAL B 89 29.59 8.86 -16.18
N GLN B 90 29.71 7.54 -16.23
CA GLN B 90 29.83 6.81 -17.49
C GLN B 90 28.45 6.31 -17.82
N GLU B 91 28.00 6.57 -19.04
CA GLU B 91 26.69 6.13 -19.52
C GLU B 91 26.89 5.17 -20.70
N ILE B 92 27.20 3.90 -20.42
CA ILE B 92 27.41 2.89 -21.48
C ILE B 92 26.11 2.28 -21.98
N GLU B 93 26.15 1.51 -23.06
CA GLU B 93 24.94 0.90 -23.59
C GLU B 93 24.99 -0.61 -23.45
N VAL B 94 23.88 -1.25 -23.77
CA VAL B 94 23.79 -2.70 -23.66
C VAL B 94 23.67 -3.39 -25.02
N SER B 95 24.37 -4.51 -25.13
CA SER B 95 24.41 -5.32 -26.35
C SER B 95 23.79 -6.70 -26.13
N ARG B 96 24.11 -7.35 -25.01
CA ARG B 96 23.56 -8.66 -24.73
C ARG B 96 22.94 -8.82 -23.35
N LEU B 97 21.85 -9.56 -23.33
CA LEU B 97 21.12 -9.86 -22.09
C LEU B 97 21.37 -11.31 -21.80
N PHE B 98 21.69 -11.64 -20.55
CA PHE B 98 21.94 -13.03 -20.23
C PHE B 98 21.20 -13.60 -19.03
N LEU B 99 19.96 -13.98 -19.27
CA LEU B 99 19.13 -14.53 -18.23
C LEU B 99 19.61 -15.91 -17.81
N GLU B 100 19.60 -16.15 -16.51
CA GLU B 100 19.98 -17.45 -15.96
C GLU B 100 19.01 -18.45 -16.60
N PRO B 101 19.54 -19.56 -17.16
CA PRO B 101 18.78 -20.63 -17.81
C PRO B 101 17.68 -21.30 -16.98
N THR B 102 17.95 -21.61 -15.72
CA THR B 102 16.93 -22.24 -14.87
C THR B 102 15.99 -21.28 -14.12
N ARG B 103 15.35 -20.37 -14.87
CA ARG B 103 14.42 -19.40 -14.30
C ARG B 103 14.80 -18.69 -12.98
N LYS B 104 16.07 -18.73 -12.58
CA LYS B 104 16.51 -18.05 -11.36
C LYS B 104 16.54 -16.53 -11.61
N ASP B 105 16.48 -15.72 -10.56
CA ASP B 105 16.47 -14.25 -10.69
C ASP B 105 17.83 -13.54 -10.84
N ILE B 106 18.69 -14.05 -11.71
CA ILE B 106 19.99 -13.43 -11.91
C ILE B 106 20.18 -13.25 -13.43
N ALA B 107 20.89 -12.20 -13.84
CA ALA B 107 21.09 -11.94 -15.27
C ALA B 107 22.40 -11.24 -15.54
N LEU B 108 22.94 -11.46 -16.74
CA LEU B 108 24.18 -10.80 -17.09
C LEU B 108 23.94 -9.71 -18.12
N LEU B 109 24.72 -8.67 -17.99
CA LEU B 109 24.61 -7.55 -18.90
C LEU B 109 25.91 -7.34 -19.70
N LYS B 110 25.79 -7.33 -21.02
CA LYS B 110 26.95 -7.12 -21.88
C LYS B 110 26.99 -5.65 -22.35
N LEU B 111 27.99 -4.91 -21.88
CA LEU B 111 28.08 -3.50 -22.27
C LEU B 111 28.61 -3.33 -23.69
N SER B 112 27.96 -2.50 -24.48
CA SER B 112 28.36 -2.22 -25.86
C SER B 112 29.84 -1.86 -25.97
N SER B 113 30.43 -1.44 -24.85
CA SER B 113 31.82 -1.02 -24.77
C SER B 113 32.34 -1.18 -23.34
N PRO B 114 33.61 -1.52 -23.18
CA PRO B 114 34.09 -1.66 -21.81
C PRO B 114 33.91 -0.36 -21.05
N ALA B 115 34.01 -0.45 -19.73
CA ALA B 115 33.85 0.70 -18.87
C ALA B 115 35.22 1.08 -18.33
N VAL B 116 35.50 2.38 -18.31
CA VAL B 116 36.79 2.83 -17.82
C VAL B 116 36.90 2.73 -16.31
N ILE B 117 37.82 1.91 -15.85
CA ILE B 117 38.04 1.75 -14.43
C ILE B 117 38.75 2.96 -13.87
N THR B 118 38.07 3.62 -12.94
CA THR B 118 38.62 4.78 -12.27
C THR B 118 38.36 4.49 -10.82
N ASP B 119 38.89 5.33 -9.95
CA ASP B 119 38.73 5.16 -8.51
C ASP B 119 37.26 5.33 -8.10
N LYS B 120 36.45 5.75 -9.06
CA LYS B 120 35.03 5.95 -8.82
C LYS B 120 34.25 4.83 -9.51
N VAL B 121 34.95 4.01 -10.28
CA VAL B 121 34.29 2.89 -10.97
C VAL B 121 35.18 1.65 -11.01
N ILE B 122 35.05 0.82 -9.98
CA ILE B 122 35.81 -0.42 -9.83
C ILE B 122 34.81 -1.56 -9.58
N PRO B 123 35.08 -2.77 -10.14
CA PRO B 123 34.17 -3.93 -9.98
C PRO B 123 34.29 -4.68 -8.66
N ALA B 124 33.22 -5.41 -8.35
CA ALA B 124 33.16 -6.20 -7.12
C ALA B 124 33.83 -7.54 -7.34
N CYS B 125 34.11 -8.26 -6.25
CA CYS B 125 34.74 -9.57 -6.37
C CYS B 125 33.73 -10.71 -6.23
N LEU B 126 33.80 -11.68 -7.14
CA LEU B 126 32.92 -12.84 -7.08
C LEU B 126 33.36 -13.72 -5.89
N PRO B 127 32.49 -14.62 -5.44
CA PRO B 127 32.90 -15.45 -4.31
C PRO B 127 33.31 -16.80 -4.86
N SER B 128 33.78 -17.70 -3.99
CA SER B 128 34.15 -19.06 -4.42
C SER B 128 32.83 -19.80 -4.63
N PRO B 129 32.76 -20.68 -5.64
CA PRO B 129 31.54 -21.45 -5.92
C PRO B 129 30.96 -22.22 -4.73
N ASN B 130 29.64 -22.19 -4.60
CA ASN B 130 28.94 -22.86 -3.53
C ASN B 130 29.36 -22.44 -2.11
N TYR B 131 30.00 -21.29 -2.02
CA TYR B 131 30.39 -20.78 -0.73
C TYR B 131 29.08 -20.46 -0.06
N VAL B 132 29.01 -20.72 1.24
CA VAL B 132 27.78 -20.46 1.97
C VAL B 132 28.14 -19.48 3.08
N VAL B 133 27.40 -18.38 3.17
CA VAL B 133 27.69 -17.38 4.19
C VAL B 133 27.20 -17.78 5.56
N ALA B 134 28.12 -17.79 6.51
CA ALA B 134 27.82 -18.15 7.87
C ALA B 134 26.56 -17.44 8.30
N ASP B 135 25.84 -18.03 9.23
CA ASP B 135 24.63 -17.41 9.70
C ASP B 135 25.13 -16.22 10.52
N ARG B 136 24.36 -15.13 10.49
CA ARG B 136 24.72 -13.94 11.25
C ARG B 136 26.02 -13.26 10.86
N THR B 137 26.26 -13.13 9.56
CA THR B 137 27.46 -12.48 9.06
C THR B 137 27.03 -11.06 8.67
N GLU B 138 27.84 -10.07 9.02
CA GLU B 138 27.51 -8.68 8.71
C GLU B 138 27.89 -8.24 7.29
N CYS B 139 26.86 -7.93 6.50
CA CYS B 139 27.01 -7.49 5.10
C CYS B 139 26.25 -6.21 4.81
N PHE B 140 26.52 -5.60 3.66
CA PHE B 140 25.88 -4.34 3.28
C PHE B 140 25.16 -4.40 1.99
N ILE B 141 24.16 -3.55 1.88
CA ILE B 141 23.35 -3.40 0.70
C ILE B 141 23.35 -1.92 0.39
N THR B 142 23.28 -1.61 -0.88
CA THR B 142 23.33 -0.25 -1.36
C THR B 142 22.27 -0.15 -2.44
N GLY B 143 21.76 1.06 -2.66
CA GLY B 143 20.74 1.21 -3.68
C GLY B 143 20.14 2.59 -3.72
N TRP B 144 19.17 2.75 -4.60
CA TRP B 144 18.47 4.01 -4.82
C TRP B 144 16.98 3.70 -4.90
N GLY B 145 16.58 2.62 -4.24
CA GLY B 145 15.19 2.22 -4.25
C GLY B 145 14.30 2.98 -3.28
N GLU B 146 13.07 2.50 -3.13
CA GLU B 146 12.09 3.12 -2.23
C GLU B 146 12.75 3.58 -0.92
N THR B 147 12.42 4.80 -0.55
CA THR B 147 12.95 5.40 0.64
C THR B 147 11.98 5.27 1.79
N GLN B 148 10.70 5.15 1.44
CA GLN B 148 9.62 5.05 2.41
C GLN B 148 9.76 6.20 3.40
N GLY B 149 9.69 7.41 2.85
CA GLY B 149 9.81 8.59 3.68
C GLY B 149 11.10 8.71 4.47
N THR B 150 11.94 7.69 4.43
CA THR B 150 13.21 7.75 5.16
C THR B 150 14.11 8.79 4.56
N PHE B 151 15.11 9.18 5.34
CA PHE B 151 16.05 10.18 4.88
C PHE B 151 17.04 9.70 3.83
N GLY B 152 17.04 10.40 2.68
CA GLY B 152 17.98 10.11 1.60
C GLY B 152 17.41 10.02 0.19
N ALA B 153 16.15 10.41 0.01
CA ALA B 153 15.50 10.34 -1.29
C ALA B 153 16.31 11.01 -2.39
N GLY B 154 16.79 10.19 -3.34
CA GLY B 154 17.56 10.70 -4.47
C GLY B 154 19.06 10.48 -4.42
N LEU B 155 19.59 9.94 -3.34
CA LEU B 155 21.03 9.69 -3.23
C LEU B 155 21.32 8.20 -3.00
N LEU B 156 22.59 7.80 -3.10
CA LEU B 156 22.91 6.40 -2.88
C LEU B 156 22.82 6.03 -1.39
N LYS B 157 21.90 5.14 -1.06
CA LYS B 157 21.82 4.75 0.32
C LYS B 157 22.58 3.44 0.58
N GLU B 158 23.02 3.25 1.82
CA GLU B 158 23.76 2.07 2.24
C GLU B 158 23.17 1.49 3.55
N ALA B 159 23.12 0.17 3.64
CA ALA B 159 22.53 -0.49 4.82
C ALA B 159 23.23 -1.76 5.28
N GLN B 160 23.70 -1.77 6.52
CA GLN B 160 24.37 -2.96 7.07
C GLN B 160 23.45 -4.00 7.76
N LEU B 161 23.20 -5.13 7.08
CA LEU B 161 22.35 -6.21 7.60
C LEU B 161 23.11 -7.50 7.94
N PRO B 162 22.52 -8.34 8.82
CA PRO B 162 23.07 -9.62 9.27
C PRO B 162 22.40 -10.69 8.44
N VAL B 163 23.08 -11.81 8.26
CA VAL B 163 22.53 -12.89 7.46
C VAL B 163 21.71 -13.85 8.31
N ILE B 164 20.63 -14.33 7.72
CA ILE B 164 19.72 -15.24 8.39
C ILE B 164 19.73 -16.61 7.71
N GLU B 165 20.09 -17.62 8.50
CA GLU B 165 20.15 -19.01 8.06
C GLU B 165 18.78 -19.38 7.48
N ASN B 166 18.78 -19.94 6.28
CA ASN B 166 17.54 -20.33 5.59
C ASN B 166 16.62 -21.23 6.40
N LYS B 167 17.21 -22.11 7.20
CA LYS B 167 16.41 -22.98 8.05
C LYS B 167 15.49 -22.01 8.79
N VAL B 168 16.12 -21.15 9.59
CA VAL B 168 15.40 -20.13 10.34
C VAL B 168 14.55 -19.26 9.38
N CYS B 169 15.17 -18.73 8.34
CA CYS B 169 14.43 -17.88 7.42
C CYS B 169 13.09 -18.49 6.96
N ASN B 170 13.04 -19.80 6.72
CA ASN B 170 11.78 -20.35 6.26
C ASN B 170 10.70 -20.69 7.26
N ARG B 171 10.95 -20.42 8.55
CA ARG B 171 9.97 -20.69 9.61
C ARG B 171 8.67 -19.96 9.35
N TYR B 172 7.56 -20.56 9.76
CA TYR B 172 6.26 -19.97 9.53
C TYR B 172 6.18 -18.51 9.90
N GLU B 173 6.79 -18.11 11.02
CA GLU B 173 6.71 -16.70 11.43
C GLU B 173 7.56 -15.77 10.58
N PHE B 174 8.53 -16.35 9.88
CA PHE B 174 9.41 -15.61 8.99
C PHE B 174 8.86 -15.67 7.56
N LEU B 175 9.48 -16.44 6.68
CA LEU B 175 8.96 -16.49 5.31
C LEU B 175 8.18 -17.72 4.94
N ASN B 176 8.18 -18.68 5.86
CA ASN B 176 7.41 -19.90 5.67
C ASN B 176 7.72 -20.65 4.37
N GLY B 177 8.88 -21.31 4.32
CA GLY B 177 9.23 -22.07 3.13
C GLY B 177 9.11 -21.46 1.74
N ARG B 178 9.37 -20.16 1.65
CA ARG B 178 9.33 -19.45 0.36
C ARG B 178 10.77 -19.36 -0.19
N VAL B 179 11.74 -19.36 0.71
CA VAL B 179 13.15 -19.28 0.36
C VAL B 179 13.77 -20.57 -0.25
N GLN B 180 14.31 -20.46 -1.48
CA GLN B 180 14.99 -21.58 -2.17
C GLN B 180 16.40 -21.69 -1.62
N SER B 181 17.08 -22.79 -1.92
CA SER B 181 18.46 -22.98 -1.46
C SER B 181 19.41 -22.05 -2.20
N THR B 182 19.04 -21.68 -3.43
CA THR B 182 19.85 -20.80 -4.26
C THR B 182 19.80 -19.34 -3.78
N GLU B 183 19.00 -19.07 -2.74
CA GLU B 183 18.89 -17.72 -2.20
C GLU B 183 19.32 -17.76 -0.76
N LEU B 184 19.59 -16.59 -0.20
CA LEU B 184 19.94 -16.47 1.21
C LEU B 184 19.03 -15.38 1.77
N CYS B 185 19.09 -15.14 3.08
CA CYS B 185 18.23 -14.15 3.69
C CYS B 185 19.02 -13.14 4.49
N ALA B 186 18.52 -11.91 4.55
CA ALA B 186 19.23 -10.94 5.38
C ALA B 186 18.34 -9.79 5.80
N GLY B 187 18.51 -9.41 7.07
CA GLY B 187 17.75 -8.32 7.61
C GLY B 187 17.86 -8.25 9.11
N HIS B 188 17.19 -7.26 9.69
CA HIS B 188 17.15 -7.12 11.13
C HIS B 188 15.80 -7.70 11.50
N LEU B 189 15.78 -8.57 12.50
CA LEU B 189 14.53 -9.19 12.92
C LEU B 189 13.63 -8.09 13.43
N ALA B 190 14.25 -7.12 14.08
CA ALA B 190 13.52 -5.97 14.61
C ALA B 190 12.85 -5.15 13.50
N GLY B 191 13.45 -5.15 12.31
CA GLY B 191 12.88 -4.37 11.22
C GLY B 191 13.46 -2.97 11.23
N GLY B 192 12.91 -2.08 10.42
CA GLY B 192 13.42 -0.72 10.39
C GLY B 192 14.31 -0.40 9.19
N THR B 193 15.37 -1.18 9.03
CA THR B 193 16.26 -0.99 7.90
C THR B 193 16.24 -2.22 7.00
N ASP B 194 15.78 -2.01 5.77
CA ASP B 194 15.69 -3.08 4.77
C ASP B 194 15.90 -2.52 3.37
N SER B 195 15.95 -3.41 2.40
CA SER B 195 16.12 -3.05 1.00
C SER B 195 14.68 -2.95 0.51
N CYS B 196 14.45 -2.11 -0.47
CA CYS B 196 13.10 -1.93 -0.97
C CYS B 196 13.05 -1.78 -2.49
N GLN B 197 11.85 -1.57 -3.04
CA GLN B 197 11.77 -1.47 -4.50
C GLN B 197 12.60 -0.38 -5.14
N GLY B 198 13.44 -0.81 -6.09
CA GLY B 198 14.34 0.08 -6.77
C GLY B 198 15.75 -0.30 -6.32
N ASP B 199 15.82 -1.29 -5.45
CA ASP B 199 17.11 -1.77 -4.98
C ASP B 199 17.42 -3.10 -5.71
N ALA B 200 16.40 -3.71 -6.28
CA ALA B 200 16.56 -4.98 -6.96
C ALA B 200 17.69 -5.01 -7.99
N GLY B 201 18.57 -6.00 -7.87
CA GLY B 201 19.68 -6.16 -8.79
C GLY B 201 20.95 -5.77 -8.08
N GLY B 202 20.79 -4.83 -7.16
CA GLY B 202 21.90 -4.32 -6.39
C GLY B 202 22.72 -5.37 -5.69
N PRO B 203 23.89 -4.99 -5.21
CA PRO B 203 24.74 -5.95 -4.53
C PRO B 203 24.44 -6.20 -3.04
N LEU B 204 24.84 -7.38 -2.57
CA LEU B 204 24.72 -7.74 -1.17
C LEU B 204 26.14 -8.16 -0.99
N VAL B 205 26.93 -7.27 -0.44
CA VAL B 205 28.34 -7.55 -0.34
C VAL B 205 28.79 -7.79 1.06
N CYS B 206 29.73 -8.73 1.19
CA CYS B 206 30.29 -9.12 2.48
C CYS B 206 31.80 -8.97 2.44
N PHE B 207 32.29 -8.17 3.38
CA PHE B 207 33.69 -7.88 3.51
C PHE B 207 34.44 -9.03 4.13
N GLU B 208 35.37 -9.60 3.37
CA GLU B 208 36.18 -10.72 3.82
C GLU B 208 37.48 -10.28 4.50
N LYS B 209 38.61 -10.49 3.85
CA LYS B 209 39.89 -10.14 4.47
C LYS B 209 40.29 -8.68 4.38
N ASP B 210 40.16 -8.13 3.19
CA ASP B 210 40.54 -6.74 2.94
C ASP B 210 39.69 -6.26 1.76
N LYS B 211 38.83 -7.15 1.26
CA LYS B 211 37.98 -6.82 0.12
C LYS B 211 36.52 -7.21 0.39
N TYR B 212 35.65 -6.75 -0.50
CA TYR B 212 34.23 -6.99 -0.41
C TYR B 212 33.76 -7.94 -1.53
N ILE B 213 33.24 -9.10 -1.16
CA ILE B 213 32.77 -10.04 -2.14
C ILE B 213 31.28 -9.93 -2.38
N LEU B 214 30.91 -9.83 -3.66
CA LEU B 214 29.51 -9.76 -4.03
C LEU B 214 29.00 -11.14 -3.64
N GLN B 215 27.99 -11.20 -2.76
CA GLN B 215 27.43 -12.48 -2.31
C GLN B 215 25.95 -12.71 -2.59
N GLY B 216 25.18 -11.63 -2.78
CA GLY B 216 23.78 -11.82 -3.10
C GLY B 216 23.32 -10.78 -4.10
N VAL B 217 22.15 -11.01 -4.66
CA VAL B 217 21.57 -10.08 -5.62
C VAL B 217 20.13 -9.78 -5.18
N THR B 218 19.99 -8.67 -4.49
CA THR B 218 18.72 -8.17 -4.01
C THR B 218 17.61 -8.59 -4.97
N SER B 219 16.86 -9.60 -4.54
CA SER B 219 15.78 -10.16 -5.35
C SER B 219 14.39 -9.82 -4.87
N TRP B 220 14.08 -10.18 -3.63
CA TRP B 220 12.73 -9.89 -3.17
C TRP B 220 12.58 -9.99 -1.67
N GLY B 221 11.35 -9.69 -1.24
CA GLY B 221 10.99 -9.72 0.17
C GLY B 221 9.53 -9.33 0.25
N LEU B 222 8.87 -9.63 1.36
CA LEU B 222 7.47 -9.25 1.47
C LEU B 222 7.49 -7.96 2.26
N GLY B 223 7.31 -6.83 1.58
CA GLY B 223 7.33 -5.55 2.26
C GLY B 223 8.73 -5.16 2.71
N CYS B 224 8.93 -3.90 3.08
CA CYS B 224 10.26 -3.43 3.50
C CYS B 224 10.32 -2.98 4.96
N ALA B 225 11.37 -3.41 5.65
CA ALA B 225 11.58 -3.04 7.05
C ALA B 225 10.58 -3.60 8.09
N ARG B 226 9.77 -4.57 7.71
CA ARG B 226 8.84 -5.18 8.65
C ARG B 226 9.60 -6.26 9.40
N PRO B 227 9.41 -6.38 10.73
CA PRO B 227 10.11 -7.39 11.54
C PRO B 227 9.82 -8.83 11.12
N ASN B 228 10.71 -9.75 11.51
CA ASN B 228 10.57 -11.15 11.15
C ASN B 228 10.17 -11.28 9.68
N LYS B 229 10.70 -10.41 8.84
CA LYS B 229 10.38 -10.45 7.42
C LYS B 229 11.55 -9.82 6.70
N PRO B 230 12.69 -10.53 6.68
CA PRO B 230 13.93 -10.07 6.04
C PRO B 230 13.86 -10.19 4.56
N GLY B 231 14.89 -9.65 3.92
CA GLY B 231 14.99 -9.68 2.48
C GLY B 231 15.61 -10.96 1.96
N VAL B 232 15.31 -11.22 0.68
CA VAL B 232 15.78 -12.41 0.02
C VAL B 232 16.61 -12.10 -1.23
N TYR B 233 17.84 -12.60 -1.21
CA TYR B 233 18.73 -12.37 -2.33
C TYR B 233 19.24 -13.66 -2.92
N VAL B 234 19.52 -13.62 -4.22
CA VAL B 234 20.06 -14.76 -4.92
C VAL B 234 21.47 -15.08 -4.41
N ARG B 235 21.70 -16.35 -4.11
CA ARG B 235 23.03 -16.75 -3.65
C ARG B 235 23.90 -16.68 -4.90
N VAL B 236 24.90 -15.81 -4.84
CA VAL B 236 25.76 -15.63 -5.99
C VAL B 236 26.73 -16.80 -6.19
N SER B 237 27.29 -17.29 -5.09
CA SER B 237 28.24 -18.40 -5.14
C SER B 237 27.77 -19.58 -5.97
N ARG B 238 26.48 -19.87 -5.93
CA ARG B 238 25.94 -21.01 -6.69
C ARG B 238 25.84 -20.71 -8.15
N PHE B 239 26.47 -19.64 -8.58
CA PHE B 239 26.40 -19.27 -9.99
C PHE B 239 27.73 -18.83 -10.56
N VAL B 240 28.73 -18.72 -9.68
CA VAL B 240 30.06 -18.32 -10.06
C VAL B 240 30.49 -19.06 -11.33
N THR B 241 30.08 -20.32 -11.46
CA THR B 241 30.43 -21.07 -12.66
C THR B 241 29.64 -20.57 -13.86
N TRP B 242 28.31 -20.65 -13.80
CA TRP B 242 27.51 -20.19 -14.92
C TRP B 242 27.91 -18.81 -15.38
N ILE B 243 28.37 -17.99 -14.44
CA ILE B 243 28.77 -16.65 -14.78
C ILE B 243 29.96 -16.71 -15.72
N GLU B 244 31.10 -17.10 -15.17
CA GLU B 244 32.33 -17.19 -15.94
C GLU B 244 32.08 -17.75 -17.32
N GLY B 245 31.53 -18.95 -17.38
CA GLY B 245 31.26 -19.55 -18.67
C GLY B 245 30.72 -18.55 -19.68
N VAL B 246 29.73 -17.79 -19.25
CA VAL B 246 29.11 -16.80 -20.13
C VAL B 246 30.12 -15.76 -20.59
N MET B 247 30.85 -15.22 -19.65
CA MET B 247 31.85 -14.22 -19.97
C MET B 247 32.79 -14.74 -21.06
N ARG B 248 33.66 -15.68 -20.67
CA ARG B 248 34.65 -16.26 -21.59
C ARG B 248 34.08 -16.92 -22.84
N ASN B 249 32.82 -16.67 -23.16
CA ASN B 249 32.19 -17.26 -24.33
C ASN B 249 31.37 -16.22 -25.09
N ASN B 250 31.51 -14.96 -24.65
CA ASN B 250 30.79 -13.86 -25.26
C ASN B 250 31.53 -12.53 -25.06
N SER C 1 5.27 11.86 -1.27
CA SER C 1 4.06 11.14 -1.68
C SER C 1 4.12 10.80 -3.16
N VAL C 2 2.95 10.70 -3.78
CA VAL C 2 2.88 10.39 -5.20
C VAL C 2 3.92 11.26 -5.89
N ASN C 3 4.96 10.63 -6.41
CA ASN C 3 6.01 11.36 -7.12
C ASN C 3 5.41 12.02 -8.35
N ASN C 4 4.63 13.07 -8.11
CA ASN C 4 3.94 13.82 -9.16
C ASN C 4 3.16 14.96 -8.52
N SER C 5 3.40 16.16 -9.00
CA SER C 5 2.72 17.34 -8.50
C SER C 5 1.22 17.15 -8.45
N GLN C 6 0.64 17.50 -7.31
CA GLN C 6 -0.80 17.42 -7.13
C GLN C 6 -1.21 18.70 -6.45
N LEU C 7 -2.50 19.00 -6.58
CA LEU C 7 -3.05 20.19 -5.97
C LEU C 7 -3.80 19.81 -4.70
N VAL C 8 -3.35 20.34 -3.55
CA VAL C 8 -3.97 20.10 -2.24
C VAL C 8 -5.09 21.11 -2.04
N VAL C 9 -6.31 20.63 -2.05
CA VAL C 9 -7.48 21.49 -1.91
C VAL C 9 -7.98 21.59 -0.48
N SER C 10 -7.28 22.35 0.35
CA SER C 10 -7.68 22.50 1.75
C SER C 10 -8.51 23.78 1.96
N VAL C 11 -9.83 23.66 1.84
CA VAL C 11 -10.70 24.81 2.01
C VAL C 11 -11.77 24.60 3.10
N ALA C 12 -12.38 25.71 3.50
CA ALA C 12 -13.42 25.70 4.53
C ALA C 12 -14.65 26.27 3.85
N GLY C 13 -15.82 26.11 4.45
CA GLY C 13 -17.02 26.66 3.86
C GLY C 13 -17.52 27.84 4.66
N THR C 14 -18.31 28.73 4.05
CA THR C 14 -18.86 29.85 4.77
C THR C 14 -20.30 29.97 4.34
N VAL C 15 -21.16 29.52 5.23
CA VAL C 15 -22.56 29.53 4.96
C VAL C 15 -22.98 30.96 4.72
N GLU C 16 -23.88 31.13 3.76
CA GLU C 16 -24.40 32.43 3.42
C GLU C 16 -25.19 32.92 4.63
N GLY C 17 -25.10 34.21 4.92
CA GLY C 17 -25.81 34.75 6.07
C GLY C 17 -24.99 34.35 7.28
N THR C 18 -25.47 33.37 8.03
CA THR C 18 -24.76 32.88 9.19
C THR C 18 -23.33 32.62 8.71
N ASN C 19 -22.46 33.61 8.88
CA ASN C 19 -21.10 33.43 8.41
C ASN C 19 -20.35 32.52 9.37
N GLN C 20 -20.75 31.25 9.31
CA GLN C 20 -20.17 30.21 10.12
C GLN C 20 -19.29 29.40 9.18
N ASP C 21 -18.32 28.70 9.75
CA ASP C 21 -17.43 27.91 8.91
C ASP C 21 -17.70 26.43 9.04
N ILE C 22 -18.15 25.84 7.94
CA ILE C 22 -18.42 24.41 7.86
C ILE C 22 -17.11 23.77 7.40
N SER C 23 -16.67 22.74 8.09
CA SER C 23 -15.44 22.06 7.73
C SER C 23 -15.54 21.13 6.52
N LEU C 24 -14.41 20.98 5.85
CA LEU C 24 -14.33 20.13 4.67
C LEU C 24 -13.03 19.35 4.67
N LYS C 25 -13.10 18.10 4.25
CA LYS C 25 -11.95 17.22 4.19
C LYS C 25 -11.07 17.47 2.97
N PHE C 26 -9.85 17.90 3.24
CA PHE C 26 -8.89 18.14 2.16
C PHE C 26 -8.79 16.88 1.33
N PHE C 27 -8.43 17.08 0.07
CA PHE C 27 -8.24 15.99 -0.86
C PHE C 27 -7.25 16.50 -1.89
N GLU C 28 -6.41 15.61 -2.39
CA GLU C 28 -5.41 16.04 -3.37
C GLU C 28 -5.88 15.73 -4.78
N ILE C 29 -5.44 16.56 -5.73
CA ILE C 29 -5.78 16.37 -7.13
C ILE C 29 -4.49 16.06 -7.89
N ASP C 30 -4.49 14.98 -8.64
CA ASP C 30 -3.31 14.61 -9.38
C ASP C 30 -3.21 15.45 -10.62
N LEU C 31 -2.10 16.16 -10.73
CA LEU C 31 -1.87 16.98 -11.89
C LEU C 31 -1.03 16.14 -12.83
N THR C 32 -1.68 15.21 -13.51
CA THR C 32 -0.99 14.31 -14.44
C THR C 32 -1.18 14.77 -15.88
N SER C 33 -0.12 15.34 -16.44
CA SER C 33 -0.11 15.85 -17.82
C SER C 33 -1.03 17.06 -17.99
N ARG C 34 -1.25 17.43 -19.24
CA ARG C 34 -2.12 18.57 -19.55
C ARG C 34 -3.58 18.14 -19.66
N PRO C 60 2.79 21.70 -17.64
CA PRO C 60 1.74 22.61 -17.18
C PRO C 60 0.33 22.04 -17.36
N HIS C 61 -0.42 21.91 -16.27
CA HIS C 61 -1.78 21.40 -16.36
C HIS C 61 -2.71 22.57 -16.15
N LYS C 62 -3.87 22.54 -16.81
CA LYS C 62 -4.85 23.59 -16.65
C LYS C 62 -6.10 23.05 -15.97
N LEU C 63 -6.52 23.73 -14.93
CA LEU C 63 -7.72 23.36 -14.19
C LEU C 63 -8.78 24.43 -14.40
N GLU C 64 -10.01 23.99 -14.58
CA GLU C 64 -11.10 24.91 -14.77
C GLU C 64 -11.76 25.12 -13.39
N LYS C 65 -12.17 26.35 -13.09
CA LYS C 65 -12.82 26.66 -11.82
C LYS C 65 -13.88 25.60 -11.54
N ALA C 66 -14.78 25.44 -12.49
CA ALA C 66 -15.90 24.50 -12.42
C ALA C 66 -15.59 23.08 -11.98
N ASP C 67 -14.41 22.59 -12.33
CA ASP C 67 -14.03 21.24 -11.93
C ASP C 67 -13.73 21.24 -10.44
N LEU C 68 -12.92 22.19 -10.01
CA LEU C 68 -12.56 22.30 -8.61
C LEU C 68 -13.83 22.52 -7.79
N LEU C 69 -14.64 23.47 -8.22
CA LEU C 69 -15.87 23.72 -7.50
C LEU C 69 -16.66 22.42 -7.47
N LYS C 70 -16.56 21.66 -8.55
CA LYS C 70 -17.28 20.39 -8.68
C LYS C 70 -16.72 19.31 -7.77
N ALA C 71 -15.39 19.24 -7.67
CA ALA C 71 -14.74 18.28 -6.81
C ALA C 71 -15.23 18.57 -5.41
N ILE C 72 -14.96 19.79 -4.97
CA ILE C 72 -15.36 20.26 -3.67
C ILE C 72 -16.80 19.85 -3.35
N GLN C 73 -17.70 20.09 -4.28
CA GLN C 73 -19.09 19.71 -4.05
C GLN C 73 -19.12 18.24 -3.62
N GLU C 74 -18.76 17.33 -4.52
CA GLU C 74 -18.76 15.90 -4.21
C GLU C 74 -18.38 15.62 -2.76
N GLN C 75 -17.26 16.21 -2.34
CA GLN C 75 -16.72 16.06 -0.99
C GLN C 75 -17.69 16.53 0.11
N LEU C 76 -18.22 17.72 -0.08
CA LEU C 76 -19.15 18.31 0.88
C LEU C 76 -20.36 17.39 1.11
N ILE C 77 -20.68 16.60 0.09
CA ILE C 77 -21.82 15.69 0.15
C ILE C 77 -21.40 14.29 0.51
N ALA C 78 -20.10 14.07 0.69
CA ALA C 78 -19.61 12.75 1.03
C ALA C 78 -20.20 12.28 2.36
N ASN C 79 -20.84 11.12 2.34
CA ASN C 79 -21.44 10.54 3.53
C ASN C 79 -22.26 11.54 4.34
N VAL C 80 -23.30 12.06 3.72
CA VAL C 80 -24.19 13.00 4.39
C VAL C 80 -25.32 12.14 4.92
N HIS C 81 -25.35 11.98 6.24
CA HIS C 81 -26.37 11.14 6.85
C HIS C 81 -27.78 11.62 6.61
N SER C 82 -28.09 12.78 7.17
CA SER C 82 -29.42 13.35 7.06
C SER C 82 -29.66 14.23 5.85
N ASN C 83 -30.91 14.31 5.44
CA ASN C 83 -31.31 15.12 4.29
C ASN C 83 -30.99 16.60 4.50
N ASP C 84 -30.94 17.06 5.76
CA ASP C 84 -30.64 18.46 6.02
C ASP C 84 -29.17 18.72 6.32
N ASP C 85 -28.31 17.80 5.92
CA ASP C 85 -26.87 17.93 6.11
C ASP C 85 -26.28 18.26 4.74
N TYR C 86 -27.18 18.59 3.81
CA TYR C 86 -26.81 18.92 2.45
C TYR C 86 -26.40 20.37 2.30
N PHE C 87 -25.38 20.59 1.48
CA PHE C 87 -24.88 21.93 1.25
C PHE C 87 -24.62 22.23 -0.20
N GLU C 88 -24.99 23.43 -0.60
CA GLU C 88 -24.79 23.88 -1.96
C GLU C 88 -23.56 24.76 -2.05
N VAL C 89 -22.72 24.46 -3.04
CA VAL C 89 -21.50 25.22 -3.25
C VAL C 89 -21.83 26.39 -4.19
N ILE C 90 -21.76 27.60 -3.67
CA ILE C 90 -22.06 28.79 -4.44
C ILE C 90 -20.91 29.28 -5.32
N ASP C 91 -19.71 29.37 -4.75
CA ASP C 91 -18.53 29.82 -5.49
C ASP C 91 -17.42 30.28 -4.55
N PHE C 92 -16.19 30.24 -5.04
CA PHE C 92 -15.06 30.65 -4.22
C PHE C 92 -15.22 32.03 -3.61
N ALA C 93 -14.47 32.26 -2.54
CA ALA C 93 -14.50 33.54 -1.88
C ALA C 93 -13.18 34.21 -2.26
N SER C 94 -13.09 35.53 -2.07
CA SER C 94 -11.88 36.27 -2.38
C SER C 94 -10.76 35.83 -1.44
N ASP C 95 -10.86 34.59 -1.01
CA ASP C 95 -9.93 33.99 -0.10
C ASP C 95 -9.06 33.00 -0.86
N ALA C 96 -9.74 32.25 -1.72
CA ALA C 96 -9.16 31.23 -2.55
C ALA C 96 -7.81 31.67 -3.05
N THR C 97 -6.80 30.86 -2.73
CA THR C 97 -5.44 31.13 -3.15
C THR C 97 -4.61 29.88 -3.35
N ILE C 98 -4.24 29.65 -4.61
CA ILE C 98 -3.40 28.51 -4.97
C ILE C 98 -1.98 29.00 -4.81
N THR C 99 -1.10 28.17 -4.24
CA THR C 99 0.26 28.64 -4.05
C THR C 99 1.31 27.56 -3.99
N ASP C 100 2.43 27.79 -4.68
CA ASP C 100 3.49 26.83 -4.67
C ASP C 100 4.26 26.99 -3.37
N ARG C 101 5.21 26.09 -3.12
CA ARG C 101 5.98 26.09 -1.88
C ARG C 101 6.66 27.40 -1.48
N ASN C 102 6.75 28.35 -2.40
CA ASN C 102 7.42 29.61 -2.06
C ASN C 102 6.49 30.79 -1.95
N GLY C 103 5.21 30.50 -1.85
CA GLY C 103 4.24 31.56 -1.71
C GLY C 103 3.81 32.19 -3.00
N LYS C 104 4.39 31.74 -4.10
CA LYS C 104 4.00 32.34 -5.37
C LYS C 104 2.55 32.02 -5.60
N VAL C 105 1.73 33.05 -5.70
CA VAL C 105 0.31 32.83 -5.94
C VAL C 105 0.09 32.54 -7.42
N TYR C 106 -0.98 31.86 -7.76
CA TYR C 106 -1.23 31.57 -9.16
C TYR C 106 -2.61 32.08 -9.44
N PHE C 107 -2.72 32.89 -10.48
CA PHE C 107 -3.99 33.52 -10.84
C PHE C 107 -4.72 32.82 -11.94
N ALA C 108 -6.04 32.92 -11.89
CA ALA C 108 -6.88 32.32 -12.92
C ALA C 108 -6.90 33.33 -14.06
N ASP C 109 -7.79 33.12 -15.02
CA ASP C 109 -7.92 34.05 -16.14
C ASP C 109 -9.41 34.30 -16.33
N LYS C 110 -9.76 34.79 -17.51
CA LYS C 110 -11.15 35.06 -17.78
C LYS C 110 -11.94 33.76 -17.89
N ASP C 111 -11.29 32.70 -18.38
CA ASP C 111 -11.96 31.41 -18.51
C ASP C 111 -12.07 30.86 -17.11
N GLY C 112 -11.47 31.57 -16.17
CA GLY C 112 -11.50 31.13 -14.78
C GLY C 112 -10.65 29.89 -14.60
N SER C 113 -9.88 29.56 -15.63
CA SER C 113 -9.02 28.40 -15.57
C SER C 113 -7.66 28.81 -15.05
N VAL C 114 -6.96 27.85 -14.46
CA VAL C 114 -5.63 28.10 -13.92
C VAL C 114 -4.67 27.18 -14.62
N THR C 115 -3.43 27.64 -14.81
CA THR C 115 -2.40 26.83 -15.45
C THR C 115 -1.21 26.77 -14.53
N LEU C 116 -1.02 25.61 -13.91
CA LEU C 116 0.10 25.44 -13.00
C LEU C 116 1.26 24.73 -13.68
N PRO C 117 2.49 25.12 -13.34
CA PRO C 117 3.67 24.49 -13.94
C PRO C 117 3.81 23.15 -13.22
N THR C 118 3.30 22.10 -13.83
CA THR C 118 3.34 20.78 -13.22
C THR C 118 4.72 20.12 -13.34
N GLN C 119 5.67 20.79 -13.96
CA GLN C 119 6.98 20.17 -14.14
C GLN C 119 7.99 20.19 -13.00
N PRO C 120 8.37 21.36 -12.49
CA PRO C 120 9.35 21.34 -11.38
C PRO C 120 9.07 20.27 -10.31
N VAL C 121 7.80 19.81 -10.26
CA VAL C 121 7.33 18.76 -9.33
C VAL C 121 7.37 19.06 -7.82
N GLN C 122 6.20 19.51 -7.35
CA GLN C 122 6.02 19.88 -5.96
C GLN C 122 4.51 19.91 -5.80
N GLU C 123 4.04 20.21 -4.59
CA GLU C 123 2.61 20.29 -4.38
C GLU C 123 2.14 21.70 -4.09
N PHE C 124 1.22 22.15 -4.93
CA PHE C 124 0.62 23.46 -4.79
C PHE C 124 -0.42 23.31 -3.71
N LEU C 125 -0.89 24.42 -3.17
CA LEU C 125 -1.90 24.36 -2.14
C LEU C 125 -3.04 25.32 -2.40
N LEU C 126 -4.24 24.78 -2.58
CA LEU C 126 -5.40 25.65 -2.76
C LEU C 126 -6.03 25.81 -1.36
N SER C 127 -6.13 27.07 -0.91
CA SER C 127 -6.69 27.36 0.41
C SER C 127 -7.66 28.54 0.38
N GLY C 128 -8.24 28.85 1.53
CA GLY C 128 -9.20 29.93 1.60
C GLY C 128 -10.60 29.42 1.90
N HIS C 129 -11.61 30.08 1.34
CA HIS C 129 -12.99 29.67 1.59
C HIS C 129 -13.88 29.47 0.37
N VAL C 130 -14.97 28.77 0.62
CA VAL C 130 -15.96 28.51 -0.41
C VAL C 130 -17.26 29.00 0.17
N ARG C 131 -18.11 29.53 -0.71
CA ARG C 131 -19.40 30.07 -0.31
C ARG C 131 -20.45 29.00 -0.54
N VAL C 132 -21.11 28.63 0.55
CA VAL C 132 -22.15 27.61 0.50
C VAL C 132 -23.38 28.05 1.27
N ARG C 133 -24.41 27.24 1.16
CA ARG C 133 -25.66 27.49 1.85
C ARG C 133 -26.40 26.17 1.90
N PRO C 134 -27.26 26.00 2.92
CA PRO C 134 -28.00 24.75 3.05
C PRO C 134 -28.72 24.46 1.75
N TYR C 135 -28.84 23.19 1.41
CA TYR C 135 -29.49 22.81 0.17
C TYR C 135 -30.96 23.18 0.11
N LYS C 136 -31.25 24.23 -0.64
CA LYS C 136 -32.62 24.68 -0.83
C LYS C 136 -32.73 24.85 -2.33
N GLU C 137 -33.65 24.12 -2.96
CA GLU C 137 -33.83 24.17 -4.40
C GLU C 137 -34.85 25.21 -4.86
N LYS C 138 -34.58 25.80 -6.01
CA LYS C 138 -35.44 26.81 -6.60
C LYS C 138 -36.57 26.15 -7.38
N PRO C 139 -37.67 26.88 -7.60
CA PRO C 139 -38.84 26.35 -8.33
C PRO C 139 -38.49 25.73 -9.67
N ILE C 140 -39.26 24.71 -10.05
CA ILE C 140 -39.06 24.02 -11.31
C ILE C 140 -39.94 24.71 -12.35
N GLN C 141 -39.38 25.71 -13.01
CA GLN C 141 -40.14 26.45 -14.02
C GLN C 141 -40.74 25.46 -15.02
N ASN C 142 -39.88 24.88 -15.85
CA ASN C 142 -40.33 23.92 -16.85
C ASN C 142 -40.65 22.58 -16.17
N GLN C 143 -41.88 22.43 -15.72
CA GLN C 143 -42.32 21.22 -15.05
C GLN C 143 -42.03 19.94 -15.82
N ALA C 144 -41.68 18.89 -15.09
CA ALA C 144 -41.41 17.59 -15.69
C ALA C 144 -42.75 16.89 -15.85
N LYS C 145 -42.90 16.12 -16.92
CA LYS C 145 -44.13 15.40 -17.18
C LYS C 145 -44.42 14.39 -16.08
N SER C 146 -43.94 13.17 -16.29
CA SER C 146 -44.11 12.08 -15.32
C SER C 146 -42.73 11.56 -14.96
N VAL C 147 -42.66 10.84 -13.85
CA VAL C 147 -41.41 10.27 -13.41
C VAL C 147 -41.59 8.77 -13.28
N ASP C 148 -40.98 8.02 -14.19
CA ASP C 148 -41.07 6.57 -14.17
C ASP C 148 -40.18 6.12 -13.02
N VAL C 149 -40.82 5.74 -11.92
CA VAL C 149 -40.08 5.31 -10.75
C VAL C 149 -39.35 4.00 -10.99
N GLU C 150 -38.15 3.92 -10.45
CA GLU C 150 -37.32 2.72 -10.57
C GLU C 150 -37.16 2.09 -9.18
N TYR C 151 -36.61 0.88 -9.15
CA TYR C 151 -36.39 0.19 -7.90
C TYR C 151 -35.26 -0.81 -8.04
N THR C 152 -34.39 -0.83 -7.03
CA THR C 152 -33.28 -1.75 -7.01
C THR C 152 -32.93 -1.98 -5.54
N VAL C 153 -33.22 -3.18 -5.07
CA VAL C 153 -32.96 -3.55 -3.68
C VAL C 153 -31.76 -4.48 -3.50
N GLN C 154 -31.11 -4.36 -2.34
CA GLN C 154 -29.95 -5.18 -2.00
C GLN C 154 -30.35 -6.05 -0.81
N PHE C 155 -29.65 -7.16 -0.61
CA PHE C 155 -29.97 -8.07 0.49
C PHE C 155 -28.73 -8.55 1.23
N THR C 156 -28.79 -8.52 2.55
CA THR C 156 -27.67 -8.96 3.38
C THR C 156 -28.18 -9.85 4.50
N PRO C 157 -27.43 -10.90 4.83
CA PRO C 157 -27.76 -11.86 5.88
C PRO C 157 -27.51 -11.38 7.31
N LEU C 158 -28.52 -11.53 8.15
CA LEU C 158 -28.44 -11.12 9.55
C LEU C 158 -27.42 -11.94 10.36
N ASN C 159 -26.89 -13.02 9.79
CA ASN C 159 -25.91 -13.84 10.52
C ASN C 159 -25.21 -14.88 9.61
N PRO C 160 -24.45 -15.83 10.21
CA PRO C 160 -23.75 -16.85 9.41
C PRO C 160 -24.65 -17.54 8.39
N ASP C 161 -24.28 -17.42 7.11
CA ASP C 161 -25.06 -18.01 6.03
C ASP C 161 -24.50 -17.55 4.68
N ASP C 162 -25.19 -17.93 3.63
CA ASP C 162 -24.84 -17.54 2.27
C ASP C 162 -26.09 -16.94 1.63
N ASP C 163 -25.97 -15.69 1.17
CA ASP C 163 -27.09 -14.99 0.56
C ASP C 163 -28.26 -14.89 1.55
N THR C 171 -33.34 -4.98 -9.41
CA THR C 171 -33.18 -3.69 -10.10
C THR C 171 -34.04 -3.64 -11.36
N LYS C 172 -35.26 -3.12 -11.21
CA LYS C 172 -36.20 -3.01 -12.33
C LYS C 172 -36.92 -1.65 -12.32
N LEU C 173 -38.21 -1.67 -12.69
CA LEU C 173 -39.00 -0.43 -12.70
C LEU C 173 -40.46 -0.71 -12.34
N LEU C 174 -41.25 0.34 -12.20
CA LEU C 174 -42.66 0.19 -11.84
C LEU C 174 -43.46 1.50 -12.00
N LYS C 175 -44.44 1.69 -11.11
CA LYS C 175 -45.33 2.86 -11.10
C LYS C 175 -44.75 4.14 -11.68
N THR C 176 -45.17 4.49 -12.89
CA THR C 176 -44.68 5.70 -13.53
C THR C 176 -45.55 6.87 -13.10
N LEU C 177 -45.37 7.29 -11.87
CA LEU C 177 -46.12 8.42 -11.31
C LEU C 177 -45.68 9.75 -11.90
N ALA C 178 -46.32 10.83 -11.48
CA ALA C 178 -46.00 12.16 -11.97
C ALA C 178 -45.18 13.02 -11.02
N ILE C 179 -45.82 13.86 -10.20
CA ILE C 179 -45.06 14.70 -9.27
C ILE C 179 -45.47 14.75 -7.77
N GLY C 180 -46.77 14.81 -7.47
CA GLY C 180 -47.18 14.86 -6.07
C GLY C 180 -47.59 13.51 -5.53
N ASP C 181 -47.69 12.55 -6.44
CA ASP C 181 -48.10 11.19 -6.10
C ASP C 181 -47.24 10.67 -4.96
N THR C 182 -47.51 9.46 -4.49
CA THR C 182 -46.73 8.92 -3.38
C THR C 182 -46.56 7.40 -3.37
N ILE C 183 -45.66 6.95 -2.50
CA ILE C 183 -45.36 5.53 -2.31
C ILE C 183 -45.05 5.39 -0.83
N THR C 184 -45.29 4.20 -0.26
CA THR C 184 -45.01 4.00 1.16
C THR C 184 -44.01 2.89 1.40
N SER C 185 -43.59 2.79 2.65
CA SER C 185 -42.64 1.77 3.06
C SER C 185 -43.27 0.38 2.84
N GLN C 186 -44.59 0.34 2.84
CA GLN C 186 -45.32 -0.92 2.65
C GLN C 186 -45.12 -1.48 1.25
N GLU C 187 -45.64 -0.75 0.27
CA GLU C 187 -45.52 -1.16 -1.12
C GLU C 187 -44.08 -1.55 -1.45
N LEU C 188 -43.13 -0.81 -0.89
CA LEU C 188 -41.72 -1.07 -1.11
C LEU C 188 -41.33 -2.37 -0.43
N LEU C 189 -41.73 -2.49 0.83
CA LEU C 189 -41.47 -3.69 1.62
C LEU C 189 -42.09 -4.87 0.90
N ALA C 190 -43.08 -4.57 0.06
CA ALA C 190 -43.76 -5.59 -0.72
C ALA C 190 -42.85 -6.02 -1.84
N GLN C 191 -42.59 -5.10 -2.76
CA GLN C 191 -41.72 -5.38 -3.89
C GLN C 191 -40.47 -6.03 -3.33
N ALA C 192 -40.11 -5.63 -2.12
CA ALA C 192 -38.94 -6.19 -1.45
C ALA C 192 -39.17 -7.69 -1.29
N GLN C 193 -40.20 -8.06 -0.53
CA GLN C 193 -40.51 -9.47 -0.29
C GLN C 193 -40.66 -10.22 -1.60
N SER C 194 -41.56 -9.72 -2.46
CA SER C 194 -41.80 -10.36 -3.75
C SER C 194 -40.49 -10.85 -4.36
N ILE C 195 -39.53 -9.94 -4.50
CA ILE C 195 -38.23 -10.28 -5.07
C ILE C 195 -37.44 -11.21 -4.16
N LEU C 196 -37.63 -11.03 -2.86
CA LEU C 196 -36.93 -11.83 -1.86
C LEU C 196 -37.13 -13.33 -2.15
N ASN C 197 -38.37 -13.72 -2.39
CA ASN C 197 -38.71 -15.10 -2.69
C ASN C 197 -38.40 -15.44 -4.14
N LYS C 198 -38.59 -14.46 -5.02
CA LYS C 198 -38.31 -14.64 -6.44
C LYS C 198 -36.88 -15.16 -6.62
N THR C 199 -35.99 -14.74 -5.73
CA THR C 199 -34.60 -15.18 -5.76
C THR C 199 -34.52 -16.36 -4.81
N HIS C 200 -34.03 -16.08 -3.60
CA HIS C 200 -33.88 -17.11 -2.58
C HIS C 200 -35.05 -17.03 -1.60
N PRO C 201 -35.94 -18.03 -1.63
CA PRO C 201 -37.11 -18.05 -0.74
C PRO C 201 -36.72 -18.64 0.62
N GLY C 202 -37.70 -18.84 1.48
CA GLY C 202 -37.41 -19.38 2.80
C GLY C 202 -36.62 -18.37 3.60
N TYR C 203 -36.61 -17.13 3.10
CA TYR C 203 -35.91 -16.01 3.72
C TYR C 203 -36.95 -14.91 4.01
N THR C 204 -36.64 -14.01 4.91
CA THR C 204 -37.56 -12.94 5.24
C THR C 204 -36.85 -11.63 5.54
N ILE C 205 -37.47 -10.52 5.11
CA ILE C 205 -36.93 -9.19 5.37
C ILE C 205 -36.97 -9.02 6.87
N TYR C 206 -35.84 -9.17 7.55
CA TYR C 206 -35.83 -9.01 8.99
C TYR C 206 -36.04 -7.53 9.35
N GLU C 207 -35.43 -6.63 8.60
CA GLU C 207 -35.58 -5.19 8.85
C GLU C 207 -34.99 -4.34 7.74
N ARG C 208 -35.44 -3.10 7.63
CA ARG C 208 -34.94 -2.18 6.62
C ARG C 208 -33.68 -1.51 7.14
N ASP C 209 -32.71 -1.36 6.24
CA ASP C 209 -31.47 -0.74 6.59
C ASP C 209 -31.42 0.65 5.97
N SER C 210 -31.22 0.70 4.65
CA SER C 210 -31.16 1.98 3.95
C SER C 210 -32.16 2.14 2.80
N SER C 211 -32.39 3.38 2.39
CA SER C 211 -33.32 3.68 1.32
C SER C 211 -33.16 5.11 0.78
N ILE C 212 -32.62 5.22 -0.44
CA ILE C 212 -32.40 6.52 -1.09
C ILE C 212 -33.12 6.65 -2.42
N VAL C 213 -33.42 7.88 -2.79
CA VAL C 213 -34.12 8.16 -4.04
C VAL C 213 -33.32 9.13 -4.90
N THR C 214 -32.78 8.65 -6.00
CA THR C 214 -32.00 9.50 -6.88
C THR C 214 -32.85 10.05 -8.01
N HIS C 215 -33.04 11.36 -8.04
CA HIS C 215 -33.85 11.96 -9.08
C HIS C 215 -33.01 12.48 -10.25
N ASP C 216 -32.90 11.65 -11.29
CA ASP C 216 -32.16 12.05 -12.48
C ASP C 216 -30.79 12.65 -12.18
N ASN C 217 -29.84 11.82 -11.77
CA ASN C 217 -28.46 12.25 -11.47
C ASN C 217 -28.30 13.47 -10.55
N ASP C 218 -29.40 13.99 -10.04
CA ASP C 218 -29.36 15.14 -9.13
C ASP C 218 -28.50 14.76 -7.92
N ILE C 219 -27.28 15.29 -7.86
CA ILE C 219 -26.36 15.00 -6.76
C ILE C 219 -27.07 14.86 -5.43
N PHE C 220 -27.92 15.83 -5.12
CA PHE C 220 -28.66 15.77 -3.87
C PHE C 220 -29.76 14.72 -4.00
N ARG C 221 -29.53 13.56 -3.38
CA ARG C 221 -30.51 12.48 -3.41
C ARG C 221 -31.34 12.56 -2.14
N THR C 222 -32.55 12.03 -2.18
CA THR C 222 -33.42 12.06 -1.00
C THR C 222 -33.25 10.85 -0.12
N ILE C 223 -32.85 11.11 1.12
CA ILE C 223 -32.65 10.09 2.12
C ILE C 223 -33.97 9.93 2.84
N LEU C 224 -34.52 8.72 2.85
CA LEU C 224 -35.79 8.50 3.51
C LEU C 224 -35.60 7.96 4.92
N PRO C 225 -36.52 8.32 5.84
CA PRO C 225 -36.51 7.91 7.25
C PRO C 225 -35.97 6.48 7.46
N MET C 226 -34.92 6.39 8.25
CA MET C 226 -34.26 5.12 8.52
C MET C 226 -35.15 4.09 9.19
N ASP C 227 -35.26 4.19 10.50
CA ASP C 227 -36.04 3.22 11.26
C ASP C 227 -37.46 3.68 11.55
N GLN C 228 -38.35 3.47 10.60
CA GLN C 228 -39.78 3.84 10.73
C GLN C 228 -40.42 3.96 9.36
N GLU C 229 -41.74 3.79 9.34
CA GLU C 229 -42.51 3.87 8.10
C GLU C 229 -42.54 5.30 7.56
N PHE C 230 -42.95 5.46 6.31
CA PHE C 230 -42.99 6.78 5.68
C PHE C 230 -43.70 6.74 4.33
N THR C 231 -43.81 7.91 3.71
CA THR C 231 -44.45 8.03 2.40
C THR C 231 -43.76 9.10 1.53
N TYR C 232 -43.08 8.65 0.48
CA TYR C 232 -42.36 9.52 -0.45
C TYR C 232 -43.27 9.99 -1.58
N HIS C 233 -43.46 11.30 -1.66
CA HIS C 233 -44.33 11.86 -2.70
C HIS C 233 -43.52 12.41 -3.87
N VAL C 234 -42.96 11.50 -4.66
CA VAL C 234 -42.15 11.89 -5.81
C VAL C 234 -41.36 13.13 -5.36
N LYS C 235 -41.17 14.10 -6.25
CA LYS C 235 -40.45 15.30 -5.86
C LYS C 235 -40.86 16.48 -6.73
N ASN C 236 -40.11 16.68 -7.80
CA ASN C 236 -40.34 17.76 -8.74
C ASN C 236 -39.06 17.78 -9.55
N ARG C 237 -39.03 18.61 -10.59
CA ARG C 237 -37.86 18.73 -11.45
C ARG C 237 -38.30 19.25 -12.79
N GLU C 238 -37.37 19.85 -13.53
CA GLU C 238 -37.68 20.39 -14.85
C GLU C 238 -37.78 19.27 -15.89
N GLN C 239 -38.71 19.42 -16.82
CA GLN C 239 -38.91 18.43 -17.87
C GLN C 239 -37.59 18.10 -18.55
N ALA C 240 -37.14 16.86 -18.37
CA ALA C 240 -35.89 16.40 -18.96
C ALA C 240 -36.03 16.24 -20.48
N GLU C 252 -39.34 17.82 -23.23
CA GLU C 252 -38.53 16.81 -23.90
C GLU C 252 -39.07 15.41 -23.59
N ILE C 253 -38.21 14.53 -23.10
CA ILE C 253 -38.59 13.15 -22.77
C ILE C 253 -38.92 13.04 -21.28
N ASN C 254 -39.48 11.91 -20.89
CA ASN C 254 -39.88 11.66 -19.50
C ASN C 254 -38.77 11.58 -18.44
N ASN C 255 -38.98 12.31 -17.35
CA ASN C 255 -38.04 12.35 -16.23
C ASN C 255 -38.12 11.04 -15.45
N THR C 256 -37.06 10.71 -14.72
CA THR C 256 -37.02 9.48 -13.96
C THR C 256 -36.58 9.58 -12.50
N ASP C 257 -36.95 8.56 -11.73
CA ASP C 257 -36.59 8.45 -10.32
C ASP C 257 -36.05 7.04 -10.09
N LEU C 258 -35.29 6.87 -9.02
CA LEU C 258 -34.73 5.57 -8.70
C LEU C 258 -34.65 5.40 -7.19
N ILE C 259 -35.14 4.27 -6.72
CA ILE C 259 -35.10 3.98 -5.30
C ILE C 259 -34.17 2.82 -5.01
N SER C 260 -33.14 3.09 -4.22
CA SER C 260 -32.18 2.06 -3.85
C SER C 260 -32.47 1.70 -2.41
N GLU C 261 -32.73 0.43 -2.17
CA GLU C 261 -33.02 -0.04 -0.81
C GLU C 261 -32.07 -1.13 -0.37
N LYS C 262 -32.02 -1.36 0.94
CA LYS C 262 -31.16 -2.37 1.51
C LYS C 262 -31.81 -2.89 2.79
N TYR C 263 -32.14 -4.17 2.82
CA TYR C 263 -32.75 -4.77 4.01
C TYR C 263 -31.92 -5.93 4.54
N TYR C 264 -32.14 -6.27 5.81
CA TYR C 264 -31.45 -7.37 6.43
C TYR C 264 -32.44 -8.52 6.29
N VAL C 265 -31.96 -9.70 5.91
CA VAL C 265 -32.85 -10.84 5.74
C VAL C 265 -32.44 -12.03 6.62
N LEU C 266 -33.44 -12.76 7.12
CA LEU C 266 -33.21 -13.92 7.97
C LEU C 266 -33.52 -15.18 7.15
N LYS C 267 -32.96 -16.32 7.55
CA LYS C 267 -33.20 -17.57 6.83
C LYS C 267 -34.54 -18.23 7.20
N LYS C 268 -35.48 -17.43 7.68
CA LYS C 268 -36.81 -17.92 8.07
C LYS C 268 -36.71 -18.95 9.17
N GLY C 269 -37.12 -18.57 10.38
CA GLY C 269 -37.05 -19.49 11.50
C GLY C 269 -35.68 -19.49 12.15
N GLU C 270 -35.06 -18.31 12.20
CA GLU C 270 -33.74 -18.13 12.78
C GLU C 270 -33.68 -16.93 13.74
N LYS C 271 -32.47 -16.42 13.98
CA LYS C 271 -32.26 -15.29 14.88
C LYS C 271 -31.05 -14.48 14.39
N PRO C 272 -30.62 -13.45 15.14
CA PRO C 272 -29.46 -12.66 14.71
C PRO C 272 -28.16 -13.39 15.00
N TYR C 273 -27.09 -12.64 15.28
CA TYR C 273 -25.81 -13.26 15.56
C TYR C 273 -25.43 -13.23 17.05
N ASP C 274 -24.63 -12.24 17.44
CA ASP C 274 -24.18 -12.12 18.81
C ASP C 274 -24.84 -10.93 19.50
N PRO C 275 -26.17 -10.77 19.36
CA PRO C 275 -26.83 -9.63 20.00
C PRO C 275 -26.34 -9.33 21.41
N PHE C 276 -26.37 -10.34 22.26
CA PHE C 276 -25.93 -10.20 23.64
C PHE C 276 -25.53 -11.57 24.18
N ASP C 277 -25.30 -12.51 23.28
CA ASP C 277 -24.97 -13.86 23.69
C ASP C 277 -23.55 -14.16 24.15
N ARG C 278 -23.43 -15.23 24.92
CA ARG C 278 -22.16 -15.66 25.47
C ARG C 278 -22.28 -17.16 25.73
N SER C 279 -23.41 -17.72 25.30
CA SER C 279 -23.65 -19.13 25.46
C SER C 279 -22.88 -19.84 24.36
N HIS C 280 -22.99 -19.33 23.13
CA HIS C 280 -22.29 -19.92 22.00
C HIS C 280 -20.78 -19.80 22.15
N LEU C 281 -20.34 -18.99 23.12
CA LEU C 281 -18.91 -18.82 23.35
C LEU C 281 -18.41 -19.91 24.29
N LYS C 282 -17.12 -20.22 24.20
CA LYS C 282 -16.51 -21.25 25.02
C LYS C 282 -15.44 -20.66 25.94
N LEU C 283 -15.58 -20.90 27.24
CA LEU C 283 -14.63 -20.38 28.20
C LEU C 283 -13.41 -21.28 28.30
N PHE C 284 -12.24 -20.64 28.25
CA PHE C 284 -10.96 -21.31 28.32
C PHE C 284 -10.12 -20.70 29.39
N THR C 285 -9.23 -21.48 29.95
CA THR C 285 -8.38 -20.96 30.98
C THR C 285 -7.03 -21.48 30.57
N ILE C 286 -6.11 -20.56 30.29
CA ILE C 286 -4.77 -20.90 29.84
C ILE C 286 -3.74 -20.62 30.93
N LYS C 287 -2.82 -21.56 31.13
CA LYS C 287 -1.81 -21.41 32.17
C LYS C 287 -0.43 -21.63 31.59
N TYR C 288 0.34 -20.54 31.52
CA TYR C 288 1.69 -20.59 31.00
C TYR C 288 2.60 -20.98 32.17
N VAL C 289 3.26 -22.12 32.05
CA VAL C 289 4.13 -22.56 33.11
C VAL C 289 5.55 -22.71 32.68
N ASP C 290 6.46 -22.26 33.53
CA ASP C 290 7.88 -22.41 33.27
C ASP C 290 8.10 -23.91 33.33
N VAL C 291 8.82 -24.45 32.35
CA VAL C 291 9.09 -25.89 32.33
C VAL C 291 10.27 -26.33 33.17
N ASN C 292 10.81 -25.43 33.99
CA ASN C 292 11.92 -25.83 34.83
C ASN C 292 11.54 -25.64 36.29
N THR C 293 10.82 -24.56 36.58
CA THR C 293 10.41 -24.29 37.96
C THR C 293 8.98 -24.69 38.22
N ASN C 294 8.21 -24.84 37.16
CA ASN C 294 6.80 -25.18 37.29
C ASN C 294 6.07 -23.99 37.89
N GLU C 295 6.67 -22.80 37.79
CA GLU C 295 6.00 -21.64 38.34
C GLU C 295 5.02 -21.07 37.31
N LEU C 296 3.81 -20.83 37.76
CA LEU C 296 2.80 -20.28 36.89
C LEU C 296 3.32 -18.90 36.57
N LEU C 297 3.58 -18.63 35.29
CA LEU C 297 4.10 -17.33 34.91
C LEU C 297 2.91 -16.42 34.65
N LYS C 298 1.88 -16.99 34.07
CA LYS C 298 0.68 -16.23 33.79
C LYS C 298 -0.46 -17.21 33.67
N SER C 299 -1.61 -16.70 33.27
CA SER C 299 -2.83 -17.48 33.15
C SER C 299 -3.85 -16.41 32.84
N GLU C 300 -4.89 -16.77 32.11
CA GLU C 300 -5.90 -15.79 31.79
C GLU C 300 -7.10 -16.48 31.22
N GLN C 301 -8.26 -15.85 31.35
CA GLN C 301 -9.47 -16.46 30.87
C GLN C 301 -10.01 -15.68 29.72
N LEU C 302 -10.48 -16.43 28.73
CA LEU C 302 -11.07 -15.84 27.55
C LEU C 302 -12.20 -16.69 27.06
N LEU C 303 -13.09 -16.04 26.31
CA LEU C 303 -14.20 -16.71 25.71
C LEU C 303 -13.83 -16.63 24.24
N THR C 304 -14.13 -17.68 23.48
CA THR C 304 -13.83 -17.70 22.06
C THR C 304 -14.96 -18.39 21.32
N ALA C 305 -15.17 -17.99 20.07
CA ALA C 305 -16.24 -18.53 19.23
C ALA C 305 -16.04 -19.95 18.72
N SER C 306 -14.81 -20.43 18.65
CA SER C 306 -14.59 -21.79 18.17
C SER C 306 -13.38 -22.47 18.77
N GLU C 307 -13.44 -23.79 18.89
CA GLU C 307 -12.33 -24.54 19.46
C GLU C 307 -11.14 -24.49 18.52
N ARG C 308 -11.44 -24.17 17.26
CA ARG C 308 -10.43 -24.06 16.20
C ARG C 308 -9.31 -23.07 16.58
N ASN C 309 -9.65 -22.11 17.44
CA ASN C 309 -8.74 -21.05 17.91
C ASN C 309 -7.73 -21.50 18.93
N LEU C 310 -7.91 -22.71 19.43
CA LEU C 310 -6.97 -23.24 20.39
C LEU C 310 -5.73 -23.53 19.57
N ASP C 311 -4.87 -22.53 19.44
CA ASP C 311 -3.65 -22.65 18.67
C ASP C 311 -2.74 -21.53 19.14
N PHE C 312 -1.44 -21.70 18.90
CA PHE C 312 -0.49 -20.68 19.29
C PHE C 312 -0.68 -19.45 18.43
N ARG C 313 -0.36 -18.32 19.03
CA ARG C 313 -0.52 -17.04 18.39
C ARG C 313 0.75 -16.25 18.49
N ASP C 314 1.15 -15.74 17.33
CA ASP C 314 2.31 -14.89 17.15
C ASP C 314 1.80 -13.45 17.30
N LEU C 315 2.41 -12.72 18.23
CA LEU C 315 1.96 -11.37 18.48
C LEU C 315 2.41 -10.35 17.43
N TYR C 316 2.82 -10.82 16.26
CA TYR C 316 3.24 -9.92 15.20
C TYR C 316 2.30 -10.15 14.04
N ASP C 317 1.87 -11.39 13.95
CA ASP C 317 0.99 -11.84 12.90
C ASP C 317 -0.46 -11.49 13.21
N PRO C 318 -1.05 -10.59 12.41
CA PRO C 318 -2.44 -10.15 12.57
C PRO C 318 -3.53 -11.18 12.29
N ARG C 319 -3.16 -12.44 12.03
CA ARG C 319 -4.17 -13.49 11.80
C ARG C 319 -4.34 -14.25 13.11
N ASP C 320 -3.25 -14.30 13.86
CA ASP C 320 -3.19 -14.92 15.16
C ASP C 320 -3.96 -14.10 16.20
N LYS C 321 -4.95 -13.34 15.75
CA LYS C 321 -5.71 -12.51 16.68
C LYS C 321 -6.69 -13.29 17.55
N ALA C 322 -7.46 -14.19 16.94
CA ALA C 322 -8.43 -14.99 17.69
C ALA C 322 -7.80 -16.23 18.32
N LYS C 323 -6.47 -16.35 18.24
CA LYS C 323 -5.80 -17.52 18.79
C LYS C 323 -5.58 -17.37 20.30
N LEU C 324 -5.65 -18.47 21.03
CA LEU C 324 -5.48 -18.38 22.48
C LEU C 324 -4.07 -18.48 23.00
N LEU C 325 -3.31 -19.44 22.52
CA LEU C 325 -1.97 -19.65 23.02
C LEU C 325 -0.89 -18.72 22.51
N TYR C 326 -0.33 -17.89 23.41
CA TYR C 326 0.76 -16.97 23.04
C TYR C 326 2.00 -17.83 22.79
N ASN C 327 3.18 -17.27 23.03
CA ASN C 327 4.42 -18.03 22.84
C ASN C 327 5.61 -17.16 23.16
N ASN C 328 5.34 -15.89 23.39
CA ASN C 328 6.38 -14.94 23.71
C ASN C 328 6.30 -14.50 25.16
N LEU C 329 5.11 -14.12 25.60
CA LEU C 329 4.92 -13.66 26.97
C LEU C 329 5.63 -12.32 27.26
N ASP C 330 6.52 -11.90 26.36
CA ASP C 330 7.26 -10.64 26.48
C ASP C 330 6.22 -9.55 26.66
N ALA C 331 5.12 -9.69 25.92
CA ALA C 331 4.02 -8.73 25.97
C ALA C 331 3.63 -8.39 27.40
N PHE C 332 3.70 -9.37 28.30
CA PHE C 332 3.33 -9.12 29.69
C PHE C 332 4.49 -8.89 30.66
N GLY C 333 5.70 -8.67 30.14
CA GLY C 333 6.81 -8.38 31.04
C GLY C 333 7.68 -9.57 31.36
N ILE C 334 7.18 -10.74 31.00
CA ILE C 334 7.91 -11.96 31.24
C ILE C 334 8.75 -12.12 29.98
N MET C 335 10.04 -11.85 30.11
CA MET C 335 10.97 -11.93 29.00
C MET C 335 11.79 -13.22 28.89
N ASP C 336 12.08 -13.61 27.65
CA ASP C 336 12.89 -14.79 27.34
C ASP C 336 12.21 -16.15 27.37
N TYR C 337 10.89 -16.17 27.31
CA TYR C 337 10.17 -17.43 27.35
C TYR C 337 9.68 -17.80 25.95
N THR C 338 9.69 -19.10 25.66
CA THR C 338 9.25 -19.56 24.36
C THR C 338 8.56 -20.88 24.48
N LEU C 339 7.53 -21.07 23.65
CA LEU C 339 6.79 -22.30 23.65
C LEU C 339 7.73 -23.49 23.77
N THR C 340 7.40 -24.38 24.70
CA THR C 340 8.19 -25.57 24.89
C THR C 340 7.68 -26.50 23.81
N GLY C 341 6.43 -26.29 23.41
CA GLY C 341 5.82 -27.11 22.40
C GLY C 341 5.10 -28.24 23.10
N LYS C 342 4.85 -28.04 24.38
CA LYS C 342 4.18 -29.04 25.17
C LYS C 342 3.00 -28.38 25.84
N VAL C 343 1.83 -29.00 25.69
CA VAL C 343 0.62 -28.48 26.29
C VAL C 343 -0.32 -29.56 26.85
N GLU C 344 -0.52 -29.52 28.17
CA GLU C 344 -1.40 -30.45 28.86
C GLU C 344 -2.83 -29.89 28.80
N ASP C 345 -3.72 -30.62 28.13
CA ASP C 345 -5.11 -30.19 27.98
C ASP C 345 -6.01 -31.05 28.87
N ASN C 346 -6.41 -30.50 30.02
CA ASN C 346 -7.27 -31.19 30.99
C ASN C 346 -8.50 -31.88 30.39
N HIS C 347 -8.86 -31.51 29.16
CA HIS C 347 -9.99 -32.09 28.43
C HIS C 347 -11.34 -31.96 29.10
N ASP C 348 -11.36 -31.49 30.35
CA ASP C 348 -12.63 -31.28 31.03
C ASP C 348 -13.35 -30.25 30.18
N ASP C 349 -14.47 -30.64 29.58
CA ASP C 349 -15.21 -29.72 28.73
C ASP C 349 -15.93 -28.60 29.46
N THR C 350 -16.43 -28.89 30.66
CA THR C 350 -17.14 -27.88 31.44
C THR C 350 -16.13 -26.84 31.87
N ASN C 351 -14.98 -27.33 32.31
CA ASN C 351 -13.88 -26.51 32.79
C ASN C 351 -12.65 -26.75 31.89
N ARG C 352 -12.40 -25.85 30.93
CA ARG C 352 -11.29 -26.04 30.01
C ARG C 352 -10.00 -25.34 30.38
N ILE C 353 -9.21 -26.02 31.20
CA ILE C 353 -7.94 -25.47 31.63
C ILE C 353 -6.85 -26.07 30.77
N ILE C 354 -5.95 -25.20 30.31
CA ILE C 354 -4.85 -25.57 29.44
C ILE C 354 -3.53 -25.13 30.03
N THR C 355 -2.54 -26.00 30.01
CA THR C 355 -1.24 -25.64 30.54
C THR C 355 -0.25 -25.56 29.40
N VAL C 356 0.25 -24.35 29.21
CA VAL C 356 1.20 -24.07 28.16
C VAL C 356 2.58 -23.96 28.77
N TYR C 357 3.40 -24.96 28.52
CA TYR C 357 4.75 -24.93 29.05
C TYR C 357 5.59 -23.99 28.20
N MET C 358 6.34 -23.15 28.89
CA MET C 358 7.19 -22.16 28.28
C MET C 358 8.59 -22.38 28.86
N GLY C 359 9.60 -21.97 28.10
CA GLY C 359 10.96 -22.13 28.56
C GLY C 359 11.82 -20.95 28.15
N LYS C 360 12.90 -20.74 28.89
CA LYS C 360 13.85 -19.65 28.64
C LYS C 360 14.87 -20.06 27.58
N ARG C 361 15.43 -19.07 26.88
CA ARG C 361 16.39 -19.34 25.82
C ARG C 361 17.60 -20.16 26.26
N SER D 1 -0.31 -10.08 7.00
CA SER D 1 -0.87 -9.96 5.66
C SER D 1 -2.39 -10.09 5.66
N VAL D 2 -2.99 -10.08 4.47
CA VAL D 2 -4.44 -10.19 4.32
C VAL D 2 -5.03 -11.14 5.35
N ASN D 3 -5.86 -10.58 6.24
CA ASN D 3 -6.51 -11.35 7.31
C ASN D 3 -7.49 -12.34 6.70
N ASN D 4 -6.97 -13.22 5.86
CA ASN D 4 -7.76 -14.23 5.19
C ASN D 4 -6.84 -15.36 4.84
N SER D 5 -7.38 -16.56 4.84
CA SER D 5 -6.60 -17.73 4.53
C SER D 5 -6.29 -17.83 3.04
N GLN D 6 -5.01 -18.00 2.77
CA GLN D 6 -4.50 -18.15 1.42
C GLN D 6 -3.49 -19.28 1.41
N LEU D 7 -3.36 -19.91 0.25
CA LEU D 7 -2.43 -21.01 0.08
C LEU D 7 -1.17 -20.55 -0.66
N VAL D 8 -0.03 -20.68 0.00
CA VAL D 8 1.25 -20.33 -0.59
C VAL D 8 1.73 -21.51 -1.45
N VAL D 9 1.69 -21.33 -2.76
CA VAL D 9 2.15 -22.36 -3.69
C VAL D 9 3.65 -22.11 -3.96
N SER D 10 4.52 -22.80 -3.25
CA SER D 10 5.95 -22.59 -3.46
C SER D 10 6.63 -23.87 -4.05
N VAL D 11 6.83 -23.89 -5.37
CA VAL D 11 7.43 -25.08 -5.99
C VAL D 11 8.66 -24.96 -6.87
N ALA D 12 9.03 -26.11 -7.43
CA ALA D 12 10.17 -26.22 -8.31
C ALA D 12 9.79 -27.21 -9.38
N GLY D 13 10.24 -26.99 -10.61
CA GLY D 13 9.95 -27.96 -11.64
C GLY D 13 11.14 -28.92 -11.64
N THR D 14 10.93 -30.13 -12.16
CA THR D 14 11.98 -31.14 -12.31
C THR D 14 11.73 -31.46 -13.76
N VAL D 15 12.74 -31.28 -14.60
CA VAL D 15 12.55 -31.50 -16.02
C VAL D 15 12.72 -32.91 -16.53
N GLU D 16 11.71 -33.33 -17.30
CA GLU D 16 11.64 -34.64 -17.92
C GLU D 16 12.94 -34.87 -18.69
N GLY D 17 13.62 -35.96 -18.37
CA GLY D 17 14.88 -36.25 -19.01
C GLY D 17 15.92 -35.71 -18.05
N THR D 18 16.42 -34.51 -18.31
CA THR D 18 17.40 -33.97 -17.40
C THR D 18 16.64 -33.53 -16.15
N ASN D 19 16.91 -34.20 -15.05
CA ASN D 19 16.27 -33.85 -13.80
C ASN D 19 16.95 -32.59 -13.33
N GLN D 20 16.56 -31.47 -13.93
CA GLN D 20 17.15 -30.19 -13.58
C GLN D 20 16.10 -29.32 -12.91
N ASP D 21 16.50 -28.61 -11.85
CA ASP D 21 15.55 -27.77 -11.16
C ASP D 21 15.31 -26.40 -11.76
N ILE D 22 14.03 -26.19 -12.07
CA ILE D 22 13.55 -24.96 -12.68
C ILE D 22 12.86 -24.15 -11.61
N SER D 23 13.42 -22.99 -11.31
CA SER D 23 12.85 -22.13 -10.31
C SER D 23 11.52 -21.56 -10.74
N LEU D 24 10.63 -21.50 -9.77
CA LEU D 24 9.31 -20.97 -9.98
C LEU D 24 9.16 -20.05 -8.78
N LYS D 25 8.63 -18.86 -9.03
CA LYS D 25 8.41 -17.85 -7.98
C LYS D 25 7.14 -18.19 -7.20
N PHE D 26 7.24 -18.14 -5.88
CA PHE D 26 6.08 -18.46 -5.05
C PHE D 26 4.92 -17.51 -5.28
N PHE D 27 3.70 -18.01 -5.20
CA PHE D 27 2.56 -17.14 -5.37
C PHE D 27 1.43 -17.59 -4.45
N GLU D 28 0.62 -16.63 -4.00
CA GLU D 28 -0.45 -16.95 -3.08
C GLU D 28 -1.79 -17.07 -3.75
N ILE D 29 -2.56 -18.06 -3.31
CA ILE D 29 -3.90 -18.28 -3.82
C ILE D 29 -4.80 -17.89 -2.66
N ASP D 30 -5.89 -17.18 -2.92
CA ASP D 30 -6.74 -16.81 -1.81
C ASP D 30 -7.91 -17.75 -1.61
N LEU D 31 -7.97 -18.26 -0.39
CA LEU D 31 -9.02 -19.17 0.01
C LEU D 31 -10.18 -18.34 0.52
N THR D 32 -10.95 -17.74 -0.38
CA THR D 32 -12.08 -16.95 0.07
C THR D 32 -13.36 -17.67 -0.26
N SER D 33 -14.20 -17.82 0.76
CA SER D 33 -15.48 -18.48 0.62
C SER D 33 -15.27 -19.93 0.17
N ARG D 34 -16.36 -20.60 -0.20
CA ARG D 34 -16.28 -21.98 -0.65
C ARG D 34 -16.13 -22.03 -2.17
N PRO D 60 -13.99 -23.97 5.39
CA PRO D 60 -13.61 -25.02 4.43
C PRO D 60 -13.78 -24.59 2.98
N HIS D 61 -12.67 -24.64 2.23
CA HIS D 61 -12.64 -24.29 0.82
C HIS D 61 -11.99 -25.49 0.14
N LYS D 62 -12.41 -25.78 -1.08
CA LYS D 62 -11.87 -26.92 -1.82
C LYS D 62 -11.27 -26.53 -3.17
N LEU D 63 -10.12 -27.11 -3.50
CA LEU D 63 -9.48 -26.82 -4.76
C LEU D 63 -9.23 -28.08 -5.56
N GLU D 64 -9.41 -27.99 -6.86
CA GLU D 64 -9.16 -29.13 -7.72
C GLU D 64 -7.66 -29.17 -8.02
N LYS D 65 -7.07 -30.35 -7.88
CA LYS D 65 -5.65 -30.54 -8.18
C LYS D 65 -5.39 -29.80 -9.48
N ALA D 66 -6.16 -30.18 -10.50
CA ALA D 66 -6.09 -29.58 -11.82
C ALA D 66 -5.78 -28.11 -11.72
N ASP D 67 -6.76 -27.34 -11.22
CA ASP D 67 -6.63 -25.88 -11.08
C ASP D 67 -5.24 -25.49 -10.56
N LEU D 68 -4.80 -26.17 -9.51
CA LEU D 68 -3.49 -25.89 -8.92
C LEU D 68 -2.46 -25.97 -10.04
N LEU D 69 -2.40 -27.11 -10.70
CA LEU D 69 -1.45 -27.29 -11.79
C LEU D 69 -1.65 -26.15 -12.78
N LYS D 70 -2.90 -25.85 -13.09
CA LYS D 70 -3.22 -24.76 -14.02
C LYS D 70 -2.55 -23.45 -13.57
N ALA D 71 -2.71 -23.10 -12.31
CA ALA D 71 -2.11 -21.89 -11.77
C ALA D 71 -0.60 -21.94 -11.98
N ILE D 72 -0.05 -23.11 -11.68
CA ILE D 72 1.38 -23.33 -11.83
C ILE D 72 1.83 -23.14 -13.27
N GLN D 73 0.97 -23.52 -14.22
CA GLN D 73 1.32 -23.36 -15.61
C GLN D 73 1.51 -21.89 -15.86
N GLU D 74 0.44 -21.12 -15.64
CA GLU D 74 0.47 -19.69 -15.86
C GLU D 74 1.73 -18.97 -15.37
N GLN D 75 2.18 -19.34 -14.19
CA GLN D 75 3.35 -18.72 -13.58
C GLN D 75 4.66 -19.15 -14.22
N LEU D 76 4.65 -20.33 -14.82
CA LEU D 76 5.85 -20.83 -15.47
C LEU D 76 5.97 -20.07 -16.77
N ILE D 77 4.82 -19.77 -17.34
CA ILE D 77 4.72 -19.06 -18.59
C ILE D 77 4.94 -17.55 -18.36
N ALA D 78 4.83 -17.14 -17.12
CA ALA D 78 5.01 -15.73 -16.79
C ALA D 78 6.34 -15.18 -17.27
N ASN D 79 6.26 -14.10 -18.04
CA ASN D 79 7.43 -13.40 -18.55
C ASN D 79 8.47 -14.24 -19.26
N VAL D 80 8.01 -14.89 -20.33
CA VAL D 80 8.84 -15.76 -21.16
C VAL D 80 9.22 -14.98 -22.40
N HIS D 81 10.50 -14.65 -22.52
CA HIS D 81 10.97 -13.87 -23.65
C HIS D 81 10.93 -14.66 -24.96
N SER D 82 11.76 -15.68 -25.03
CA SER D 82 11.86 -16.51 -26.23
C SER D 82 10.84 -17.64 -26.25
N ASN D 83 10.86 -18.43 -27.32
CA ASN D 83 9.94 -19.53 -27.47
C ASN D 83 10.39 -20.81 -26.80
N ASP D 84 11.69 -20.98 -26.61
CA ASP D 84 12.17 -22.18 -25.95
C ASP D 84 12.41 -21.93 -24.49
N ASP D 85 11.68 -20.96 -23.96
CA ASP D 85 11.74 -20.62 -22.54
C ASP D 85 10.43 -21.17 -21.97
N TYR D 86 9.63 -21.73 -22.87
CA TYR D 86 8.35 -22.34 -22.54
C TYR D 86 8.55 -23.79 -22.03
N PHE D 87 7.92 -24.10 -20.90
CA PHE D 87 8.00 -25.41 -20.28
C PHE D 87 6.58 -25.90 -19.97
N GLU D 88 6.39 -27.21 -19.92
CA GLU D 88 5.08 -27.80 -19.67
C GLU D 88 4.96 -28.46 -18.30
N VAL D 89 3.85 -28.18 -17.62
CA VAL D 89 3.61 -28.77 -16.30
C VAL D 89 2.92 -30.12 -16.47
N ILE D 90 3.62 -31.17 -16.05
CA ILE D 90 3.09 -32.53 -16.18
C ILE D 90 2.15 -32.86 -15.03
N ASP D 91 2.72 -33.23 -13.89
CA ASP D 91 1.99 -33.59 -12.69
C ASP D 91 2.89 -33.26 -11.50
N PHE D 92 2.46 -33.62 -10.30
CA PHE D 92 3.23 -33.37 -9.09
C PHE D 92 4.25 -34.48 -8.82
N ALA D 93 5.42 -34.14 -8.31
CA ALA D 93 6.38 -35.18 -7.96
C ALA D 93 5.81 -35.83 -6.70
N SER D 94 6.48 -36.85 -6.17
CA SER D 94 6.02 -37.52 -4.93
C SER D 94 6.59 -36.60 -3.84
N ASP D 95 6.60 -35.33 -4.17
CA ASP D 95 7.17 -34.29 -3.33
C ASP D 95 6.07 -33.39 -2.80
N ALA D 96 5.19 -33.03 -3.72
CA ALA D 96 4.06 -32.14 -3.45
C ALA D 96 3.44 -32.48 -2.13
N THR D 97 3.01 -31.45 -1.43
CA THR D 97 2.39 -31.65 -0.14
C THR D 97 1.91 -30.33 0.44
N ILE D 98 0.66 -30.33 0.82
CA ILE D 98 0.05 -29.17 1.44
C ILE D 98 0.10 -29.36 2.95
N THR D 99 0.63 -28.37 3.65
CA THR D 99 0.71 -28.46 5.10
C THR D 99 0.19 -27.19 5.79
N ASP D 100 -0.32 -27.34 7.00
CA ASP D 100 -0.74 -26.16 7.72
C ASP D 100 0.40 -25.81 8.67
N ARG D 101 0.23 -24.73 9.42
CA ARG D 101 1.30 -24.27 10.29
C ARG D 101 1.96 -25.36 11.13
N ASN D 102 1.18 -26.33 11.56
CA ASN D 102 1.74 -27.36 12.44
C ASN D 102 2.18 -28.69 11.82
N GLY D 103 2.23 -28.77 10.50
CA GLY D 103 2.67 -30.01 9.88
C GLY D 103 1.58 -31.02 9.53
N LYS D 104 0.34 -30.61 9.67
CA LYS D 104 -0.75 -31.52 9.35
C LYS D 104 -0.86 -31.52 7.82
N VAL D 105 -0.71 -32.68 7.23
CA VAL D 105 -0.77 -32.77 5.79
C VAL D 105 -2.17 -32.88 5.28
N TYR D 106 -2.49 -32.24 4.16
CA TYR D 106 -3.84 -32.34 3.64
C TYR D 106 -3.76 -33.17 2.36
N PHE D 107 -4.76 -34.02 2.13
CA PHE D 107 -4.72 -34.91 0.97
C PHE D 107 -5.77 -34.76 -0.11
N ALA D 108 -5.43 -35.30 -1.28
CA ALA D 108 -6.30 -35.26 -2.45
C ALA D 108 -7.16 -36.51 -2.44
N ASP D 109 -8.47 -36.32 -2.59
CA ASP D 109 -9.41 -37.43 -2.60
C ASP D 109 -9.48 -38.05 -4.00
N LYS D 110 -10.67 -38.45 -4.42
CA LYS D 110 -10.85 -39.05 -5.74
C LYS D 110 -11.07 -37.97 -6.79
N ASP D 111 -11.64 -36.84 -6.37
CA ASP D 111 -11.86 -35.73 -7.28
C ASP D 111 -10.50 -35.01 -7.44
N GLY D 112 -9.47 -35.62 -6.87
CA GLY D 112 -8.12 -35.06 -6.91
C GLY D 112 -8.13 -33.72 -6.21
N SER D 113 -9.29 -33.34 -5.68
CA SER D 113 -9.47 -32.08 -5.00
C SER D 113 -8.87 -32.08 -3.60
N VAL D 114 -8.84 -30.90 -3.01
CA VAL D 114 -8.33 -30.74 -1.66
C VAL D 114 -9.31 -29.88 -0.93
N THR D 115 -9.51 -30.21 0.33
CA THR D 115 -10.44 -29.47 1.16
C THR D 115 -9.70 -28.90 2.33
N LEU D 116 -9.57 -27.58 2.33
CA LEU D 116 -8.87 -26.91 3.39
C LEU D 116 -9.77 -26.06 4.27
N PRO D 117 -9.53 -26.14 5.57
CA PRO D 117 -10.28 -25.41 6.58
C PRO D 117 -9.89 -23.94 6.50
N THR D 118 -10.74 -23.17 5.83
CA THR D 118 -10.49 -21.74 5.68
C THR D 118 -10.64 -20.89 6.95
N GLN D 119 -11.44 -21.34 7.92
CA GLN D 119 -11.68 -20.53 9.13
C GLN D 119 -10.67 -20.30 10.25
N PRO D 120 -10.15 -21.35 10.90
CA PRO D 120 -9.17 -21.10 11.98
C PRO D 120 -8.22 -19.94 11.64
N VAL D 121 -8.07 -19.68 10.33
CA VAL D 121 -7.23 -18.61 9.72
C VAL D 121 -5.73 -18.55 9.93
N GLN D 122 -5.03 -18.99 8.89
CA GLN D 122 -3.57 -19.06 8.85
C GLN D 122 -3.24 -19.20 7.38
N GLU D 123 -1.98 -19.49 7.07
CA GLU D 123 -1.62 -19.68 5.68
C GLU D 123 -1.16 -21.11 5.47
N PHE D 124 -1.58 -21.69 4.34
CA PHE D 124 -1.17 -23.06 4.05
C PHE D 124 0.00 -23.07 3.09
N LEU D 125 0.76 -24.17 3.10
CA LEU D 125 1.95 -24.27 2.28
C LEU D 125 2.06 -25.40 1.27
N LEU D 126 1.89 -25.08 0.00
CA LEU D 126 2.03 -26.08 -1.06
C LEU D 126 3.50 -26.20 -1.52
N SER D 127 4.27 -27.08 -0.88
CA SER D 127 5.68 -27.27 -1.25
C SER D 127 5.90 -28.50 -2.14
N GLY D 128 7.15 -28.81 -2.44
CA GLY D 128 7.46 -29.96 -3.30
C GLY D 128 7.83 -29.61 -4.76
N HIS D 129 7.91 -30.62 -5.62
CA HIS D 129 8.27 -30.40 -7.02
C HIS D 129 7.13 -30.65 -7.97
N VAL D 130 7.33 -30.21 -9.19
CA VAL D 130 6.34 -30.38 -10.24
C VAL D 130 7.10 -30.95 -11.43
N ARG D 131 6.51 -31.95 -12.09
CA ARG D 131 7.13 -32.59 -13.26
C ARG D 131 6.92 -31.67 -14.46
N VAL D 132 8.01 -31.29 -15.12
CA VAL D 132 7.90 -30.39 -16.28
C VAL D 132 8.74 -30.84 -17.46
N ARG D 133 8.39 -30.35 -18.65
CA ARG D 133 9.09 -30.67 -19.87
C ARG D 133 8.97 -29.52 -20.88
N PRO D 134 10.05 -29.22 -21.62
CA PRO D 134 10.01 -28.13 -22.61
C PRO D 134 8.79 -28.24 -23.49
N TYR D 135 8.09 -27.12 -23.68
CA TYR D 135 6.88 -27.15 -24.48
C TYR D 135 7.08 -27.74 -25.86
N LYS D 136 6.48 -28.90 -26.11
CA LYS D 136 6.58 -29.56 -27.42
C LYS D 136 5.21 -30.14 -27.79
N GLU D 137 4.40 -29.33 -28.47
CA GLU D 137 3.06 -29.74 -28.87
C GLU D 137 3.04 -31.02 -29.68
N LYS D 138 1.94 -31.76 -29.53
CA LYS D 138 1.75 -33.02 -30.24
C LYS D 138 1.07 -32.71 -31.56
N PRO D 139 0.89 -33.73 -32.42
CA PRO D 139 0.23 -33.51 -33.72
C PRO D 139 -1.27 -33.26 -33.58
N ILE D 140 -1.80 -32.43 -34.46
CA ILE D 140 -3.22 -32.09 -34.46
C ILE D 140 -4.00 -33.13 -35.25
N GLN D 141 -4.66 -34.05 -34.54
CA GLN D 141 -5.45 -35.09 -35.19
C GLN D 141 -6.51 -34.46 -36.08
N ASN D 142 -7.48 -33.79 -35.47
CA ASN D 142 -8.54 -33.13 -36.22
C ASN D 142 -8.06 -31.75 -36.69
N GLN D 143 -7.37 -31.72 -37.82
CA GLN D 143 -6.86 -30.47 -38.38
C GLN D 143 -7.96 -29.41 -38.44
N ALA D 144 -7.55 -28.15 -38.32
CA ALA D 144 -8.49 -27.04 -38.40
C ALA D 144 -8.49 -26.58 -39.84
N LYS D 145 -9.62 -26.02 -40.26
CA LYS D 145 -9.77 -25.55 -41.63
C LYS D 145 -8.90 -24.33 -41.93
N SER D 146 -9.43 -23.14 -41.63
CA SER D 146 -8.70 -21.91 -41.87
C SER D 146 -8.58 -21.12 -40.59
N VAL D 147 -7.57 -20.27 -40.54
CA VAL D 147 -7.33 -19.44 -39.37
C VAL D 147 -7.44 -17.96 -39.75
N ASP D 148 -8.52 -17.33 -39.29
CA ASP D 148 -8.74 -15.92 -39.56
C ASP D 148 -7.67 -15.16 -38.79
N VAL D 149 -6.74 -14.57 -39.53
CA VAL D 149 -5.66 -13.81 -38.90
C VAL D 149 -6.14 -12.45 -38.38
N GLU D 150 -5.88 -12.20 -37.11
CA GLU D 150 -6.26 -10.94 -36.49
C GLU D 150 -5.02 -10.09 -36.28
N TYR D 151 -5.22 -8.80 -36.10
CA TYR D 151 -4.10 -7.88 -35.88
C TYR D 151 -4.54 -6.66 -35.07
N THR D 152 -3.72 -6.30 -34.09
CA THR D 152 -3.97 -5.13 -33.25
C THR D 152 -2.61 -4.60 -32.83
N VAL D 153 -2.28 -3.40 -33.33
CA VAL D 153 -1.00 -2.79 -33.02
C VAL D 153 -1.07 -1.71 -31.95
N GLN D 154 0.10 -1.39 -31.41
CA GLN D 154 0.24 -0.36 -30.38
C GLN D 154 1.36 0.59 -30.83
N PHE D 155 1.35 1.80 -30.31
CA PHE D 155 2.36 2.79 -30.68
C PHE D 155 2.92 3.55 -29.49
N THR D 156 4.21 3.88 -29.56
CA THR D 156 4.86 4.61 -28.49
C THR D 156 5.82 5.65 -29.06
N PRO D 157 5.72 6.90 -28.58
CA PRO D 157 6.60 7.98 -29.06
C PRO D 157 8.03 7.79 -28.57
N LEU D 158 8.97 7.80 -29.51
CA LEU D 158 10.37 7.65 -29.21
C LEU D 158 10.90 8.69 -28.23
N ASN D 159 10.17 9.79 -28.02
CA ASN D 159 10.63 10.84 -27.10
C ASN D 159 9.51 11.79 -26.63
N PRO D 160 9.86 12.99 -26.10
CA PRO D 160 8.82 13.93 -25.62
C PRO D 160 7.74 14.18 -26.67
N ASP D 161 6.48 13.93 -26.31
CA ASP D 161 5.39 14.13 -27.26
C ASP D 161 4.10 13.58 -26.69
N ASP D 162 3.06 13.64 -27.52
CA ASP D 162 1.75 13.11 -27.17
C ASP D 162 1.26 12.26 -28.35
N ASP D 163 1.00 10.98 -28.08
CA ASP D 163 0.53 10.05 -29.10
C ASP D 163 1.67 9.65 -30.04
N THR D 171 -6.93 -2.18 -34.15
CA THR D 171 -7.17 -3.61 -33.97
C THR D 171 -8.28 -4.07 -34.92
N LYS D 172 -7.93 -4.93 -35.88
CA LYS D 172 -8.92 -5.43 -36.85
C LYS D 172 -8.64 -6.80 -37.47
N LEU D 173 -9.21 -7.02 -38.64
CA LEU D 173 -9.09 -8.28 -39.38
C LEU D 173 -8.28 -8.19 -40.67
N LEU D 174 -8.12 -9.33 -41.34
CA LEU D 174 -7.40 -9.41 -42.60
C LEU D 174 -7.31 -10.86 -43.09
N LYS D 175 -6.23 -11.15 -43.83
CA LYS D 175 -5.95 -12.46 -44.39
C LYS D 175 -6.44 -13.66 -43.55
N THR D 176 -7.47 -14.35 -44.06
CA THR D 176 -8.01 -15.51 -43.35
C THR D 176 -7.42 -16.80 -43.91
N LEU D 177 -6.09 -16.83 -43.97
CA LEU D 177 -5.36 -17.95 -44.50
C LEU D 177 -5.75 -19.28 -43.84
N ALA D 178 -4.99 -20.31 -44.21
CA ALA D 178 -5.23 -21.68 -43.73
C ALA D 178 -4.21 -22.10 -42.70
N ILE D 179 -3.37 -23.10 -43.02
CA ILE D 179 -2.37 -23.50 -42.03
C ILE D 179 -0.91 -23.34 -42.47
N GLY D 180 -0.62 -23.63 -43.74
CA GLY D 180 0.74 -23.50 -44.19
C GLY D 180 1.10 -22.06 -44.53
N ASP D 181 0.07 -21.28 -44.82
CA ASP D 181 0.21 -19.88 -45.19
C ASP D 181 1.21 -19.16 -44.31
N THR D 182 1.75 -18.07 -44.83
CA THR D 182 2.73 -17.31 -44.08
C THR D 182 2.54 -15.80 -44.25
N ILE D 183 3.23 -15.03 -43.41
CA ILE D 183 3.16 -13.57 -43.44
C ILE D 183 4.55 -13.08 -43.10
N THR D 184 4.84 -11.82 -43.42
CA THR D 184 6.17 -11.30 -43.13
C THR D 184 6.20 -9.95 -42.45
N SER D 185 7.36 -9.66 -41.87
CA SER D 185 7.58 -8.42 -41.16
C SER D 185 7.26 -7.24 -42.08
N GLN D 186 7.33 -7.48 -43.39
CA GLN D 186 7.05 -6.45 -44.38
C GLN D 186 5.60 -6.07 -44.31
N GLU D 187 4.76 -7.01 -44.72
CA GLU D 187 3.32 -6.83 -44.74
C GLU D 187 2.85 -6.24 -43.42
N LEU D 188 3.34 -6.83 -42.32
CA LEU D 188 2.96 -6.36 -41.00
C LEU D 188 3.46 -4.93 -40.90
N LEU D 189 4.73 -4.74 -41.24
CA LEU D 189 5.36 -3.44 -41.21
C LEU D 189 4.52 -2.48 -42.02
N ALA D 190 3.82 -3.05 -43.00
CA ALA D 190 2.95 -2.31 -43.90
C ALA D 190 1.67 -1.90 -43.20
N GLN D 191 0.77 -2.85 -42.97
CA GLN D 191 -0.50 -2.58 -42.31
C GLN D 191 -0.30 -1.63 -41.15
N ALA D 192 0.86 -1.74 -40.51
CA ALA D 192 1.21 -0.89 -39.38
C ALA D 192 1.25 0.55 -39.90
N GLN D 193 2.15 0.81 -40.84
CA GLN D 193 2.29 2.15 -41.42
C GLN D 193 0.94 2.65 -41.90
N SER D 194 0.23 1.81 -42.65
CA SER D 194 -1.09 2.18 -43.15
C SER D 194 -1.90 2.82 -42.03
N ILE D 195 -1.95 2.14 -40.88
CA ILE D 195 -2.71 2.64 -39.73
C ILE D 195 -2.04 3.86 -39.10
N LEU D 196 -0.71 3.88 -39.11
CA LEU D 196 0.04 4.98 -38.53
C LEU D 196 -0.49 6.30 -39.08
N ASN D 197 -0.72 6.33 -40.39
CA ASN D 197 -1.23 7.52 -41.06
C ASN D 197 -2.71 7.70 -40.75
N LYS D 198 -3.45 6.60 -40.87
CA LYS D 198 -4.88 6.58 -40.62
C LYS D 198 -5.26 7.27 -39.31
N THR D 199 -4.31 7.35 -38.38
CA THR D 199 -4.54 8.00 -37.12
C THR D 199 -3.78 9.32 -37.15
N HIS D 200 -2.65 9.38 -36.45
CA HIS D 200 -1.83 10.59 -36.44
C HIS D 200 -0.77 10.44 -37.53
N PRO D 201 -0.96 11.16 -38.64
CA PRO D 201 -0.01 11.11 -39.76
C PRO D 201 1.23 11.94 -39.44
N GLY D 202 2.09 12.16 -40.43
CA GLY D 202 3.28 12.94 -40.20
C GLY D 202 4.18 12.29 -39.16
N TYR D 203 3.88 11.02 -38.88
CA TYR D 203 4.63 10.21 -37.92
C TYR D 203 5.21 9.05 -38.71
N THR D 204 6.13 8.31 -38.11
CA THR D 204 6.70 7.18 -38.82
C THR D 204 7.13 6.06 -37.90
N ILE D 205 7.02 4.84 -38.39
CA ILE D 205 7.42 3.67 -37.63
C ILE D 205 8.93 3.70 -37.54
N TYR D 206 9.47 4.09 -36.39
CA TYR D 206 10.90 4.10 -36.26
C TYR D 206 11.44 2.66 -36.28
N GLU D 207 10.95 1.84 -35.36
CA GLU D 207 11.38 0.45 -35.28
C GLU D 207 10.32 -0.43 -34.62
N ARG D 208 10.46 -1.74 -34.75
CA ARG D 208 9.53 -2.68 -34.14
C ARG D 208 10.09 -3.07 -32.78
N ASP D 209 9.24 -3.06 -31.77
CA ASP D 209 9.67 -3.39 -30.42
C ASP D 209 9.34 -4.84 -30.05
N SER D 210 8.06 -5.19 -30.11
CA SER D 210 7.61 -6.56 -29.79
C SER D 210 6.55 -7.05 -30.78
N SER D 211 6.41 -8.37 -30.92
CA SER D 211 5.42 -8.93 -31.85
C SER D 211 5.09 -10.39 -31.55
N ILE D 212 3.88 -10.64 -31.04
CA ILE D 212 3.48 -12.01 -30.72
C ILE D 212 2.20 -12.45 -31.40
N VAL D 213 2.06 -13.77 -31.52
CA VAL D 213 0.90 -14.40 -32.13
C VAL D 213 0.23 -15.31 -31.12
N THR D 214 -1.07 -15.06 -30.91
CA THR D 214 -1.86 -15.88 -29.99
C THR D 214 -2.77 -16.72 -30.85
N HIS D 215 -2.71 -18.03 -30.66
CA HIS D 215 -3.55 -18.94 -31.43
C HIS D 215 -4.70 -19.40 -30.55
N ASP D 216 -5.87 -18.81 -30.79
CA ASP D 216 -7.08 -19.14 -30.03
C ASP D 216 -6.81 -19.39 -28.54
N ASN D 217 -6.48 -18.33 -27.81
CA ASN D 217 -6.22 -18.39 -26.37
C ASN D 217 -5.13 -19.37 -25.91
N ASP D 218 -4.66 -20.24 -26.81
CA ASP D 218 -3.63 -21.20 -26.43
C ASP D 218 -2.52 -20.49 -25.66
N ILE D 219 -2.47 -20.78 -24.36
CA ILE D 219 -1.51 -20.21 -23.44
C ILE D 219 -0.13 -19.97 -24.05
N PHE D 220 0.35 -20.92 -24.85
CA PHE D 220 1.64 -20.78 -25.49
C PHE D 220 1.52 -19.94 -26.74
N ARG D 221 1.98 -18.70 -26.62
CA ARG D 221 1.94 -17.75 -27.72
C ARG D 221 3.26 -17.76 -28.46
N THR D 222 3.18 -17.61 -29.79
CA THR D 222 4.37 -17.60 -30.60
C THR D 222 4.98 -16.21 -30.58
N ILE D 223 6.15 -16.08 -29.97
CA ILE D 223 6.83 -14.80 -29.93
C ILE D 223 7.66 -14.74 -31.19
N LEU D 224 7.60 -13.62 -31.89
CA LEU D 224 8.35 -13.49 -33.14
C LEU D 224 9.66 -12.72 -32.97
N PRO D 225 10.68 -13.06 -33.78
CA PRO D 225 12.03 -12.46 -33.79
C PRO D 225 11.97 -10.96 -33.58
N MET D 226 12.64 -10.48 -32.53
CA MET D 226 12.60 -9.06 -32.21
C MET D 226 13.19 -8.13 -33.26
N ASP D 227 14.51 -7.96 -33.24
CA ASP D 227 15.18 -7.06 -34.16
C ASP D 227 15.74 -7.75 -35.41
N GLN D 228 14.85 -8.04 -36.36
CA GLN D 228 15.22 -8.68 -37.62
C GLN D 228 13.99 -9.23 -38.32
N GLU D 229 14.00 -9.23 -39.64
CA GLU D 229 12.87 -9.71 -40.39
C GLU D 229 12.58 -11.19 -40.13
N PHE D 230 11.39 -11.61 -40.54
CA PHE D 230 10.95 -12.98 -40.32
C PHE D 230 9.69 -13.24 -41.15
N THR D 231 9.18 -14.46 -41.03
CA THR D 231 7.98 -14.85 -41.74
C THR D 231 7.25 -15.92 -40.92
N TYR D 232 6.04 -15.59 -40.47
CA TYR D 232 5.24 -16.50 -39.68
C TYR D 232 4.34 -17.37 -40.55
N HIS D 233 4.54 -18.68 -40.49
CA HIS D 233 3.73 -19.60 -41.29
C HIS D 233 2.59 -20.20 -40.48
N VAL D 234 1.60 -19.38 -40.15
CA VAL D 234 0.47 -19.85 -39.34
C VAL D 234 1.04 -20.83 -38.31
N LYS D 235 0.39 -21.97 -38.13
CA LYS D 235 0.90 -22.93 -37.16
C LYS D 235 0.28 -24.30 -37.34
N ASN D 236 -0.89 -24.47 -36.74
CA ASN D 236 -1.63 -25.73 -36.78
C ASN D 236 -2.58 -25.60 -35.61
N ARG D 237 -3.46 -26.59 -35.45
CA ARG D 237 -4.43 -26.61 -34.35
C ARG D 237 -5.67 -27.39 -34.74
N GLU D 238 -6.33 -27.97 -33.75
CA GLU D 238 -7.54 -28.73 -34.02
C GLU D 238 -8.71 -27.79 -34.29
N GLN D 239 -9.57 -28.21 -35.21
CA GLN D 239 -10.75 -27.44 -35.59
C GLN D 239 -11.59 -27.12 -34.35
N ALA D 240 -11.74 -25.83 -34.07
CA ALA D 240 -12.51 -25.35 -32.93
C ALA D 240 -14.02 -25.49 -33.17
N GLU D 252 -20.23 -24.98 -40.73
CA GLU D 252 -19.11 -24.93 -39.79
C GLU D 252 -18.49 -23.52 -39.67
N ILE D 253 -17.70 -23.30 -38.62
CA ILE D 253 -17.01 -22.03 -38.39
C ILE D 253 -15.50 -22.33 -38.29
N ASN D 254 -14.65 -21.33 -38.08
CA ASN D 254 -13.21 -21.60 -38.03
C ASN D 254 -12.37 -21.13 -36.84
N ASN D 255 -11.07 -21.44 -36.93
CA ASN D 255 -10.09 -21.09 -35.92
C ASN D 255 -9.52 -19.72 -36.24
N THR D 256 -8.95 -19.07 -35.23
CA THR D 256 -8.41 -17.73 -35.39
C THR D 256 -7.08 -17.47 -34.69
N ASP D 257 -6.31 -16.57 -35.29
CA ASP D 257 -5.02 -16.18 -34.74
C ASP D 257 -5.12 -14.69 -34.48
N LEU D 258 -4.08 -14.13 -33.86
CA LEU D 258 -4.07 -12.70 -33.59
C LEU D 258 -2.64 -12.23 -33.47
N ILE D 259 -2.33 -11.12 -34.13
CA ILE D 259 -0.99 -10.58 -34.07
C ILE D 259 -1.00 -9.26 -33.33
N SER D 260 -0.27 -9.22 -32.22
CA SER D 260 -0.18 -8.01 -31.43
C SER D 260 1.22 -7.48 -31.64
N GLU D 261 1.31 -6.22 -32.04
CA GLU D 261 2.60 -5.61 -32.28
C GLU D 261 2.71 -4.26 -31.61
N LYS D 262 3.95 -3.79 -31.52
CA LYS D 262 4.26 -2.51 -30.90
C LYS D 262 5.48 -1.93 -31.61
N TYR D 263 5.30 -0.74 -32.18
CA TYR D 263 6.37 -0.05 -32.89
C TYR D 263 6.66 1.30 -32.24
N TYR D 264 7.89 1.77 -32.38
CA TYR D 264 8.28 3.06 -31.83
C TYR D 264 8.08 4.04 -32.98
N VAL D 265 7.39 5.15 -32.71
CA VAL D 265 7.13 6.13 -33.77
C VAL D 265 7.83 7.47 -33.57
N LEU D 266 8.13 8.13 -34.69
CA LEU D 266 8.77 9.44 -34.69
C LEU D 266 7.84 10.45 -35.37
N LYS D 267 7.88 11.69 -34.92
CA LYS D 267 7.04 12.74 -35.49
C LYS D 267 7.50 13.13 -36.90
N LYS D 268 8.32 12.27 -37.50
CA LYS D 268 8.85 12.50 -38.85
C LYS D 268 9.82 13.67 -38.89
N GLY D 269 11.08 13.37 -39.18
CA GLY D 269 12.11 14.38 -39.27
C GLY D 269 12.57 14.89 -37.93
N GLU D 270 12.53 14.02 -36.92
CA GLU D 270 12.95 14.39 -35.57
C GLU D 270 14.12 13.51 -35.16
N LYS D 271 14.24 13.22 -33.87
CA LYS D 271 15.33 12.38 -33.36
C LYS D 271 14.96 11.71 -32.03
N PRO D 272 15.87 10.88 -31.47
CA PRO D 272 15.63 10.18 -30.20
C PRO D 272 15.54 11.13 -29.00
N TYR D 273 15.91 10.62 -27.83
CA TYR D 273 15.89 11.43 -26.62
C TYR D 273 17.31 11.66 -26.10
N ASP D 274 17.73 10.86 -25.12
CA ASP D 274 19.07 10.99 -24.55
C ASP D 274 19.93 9.79 -24.98
N PRO D 275 19.90 9.43 -26.28
CA PRO D 275 20.74 8.29 -26.61
C PRO D 275 22.12 8.42 -25.97
N PHE D 276 22.70 9.61 -26.07
CA PHE D 276 24.02 9.85 -25.51
C PHE D 276 24.23 11.35 -25.28
N ASP D 277 23.15 12.13 -25.37
CA ASP D 277 23.28 13.58 -25.25
C ASP D 277 23.38 14.23 -23.90
N ARG D 278 24.25 15.24 -23.86
CA ARG D 278 24.51 16.04 -22.67
C ARG D 278 24.48 17.48 -23.15
N SER D 279 24.01 17.65 -24.39
CA SER D 279 23.91 18.98 -24.98
C SER D 279 22.68 19.64 -24.40
N HIS D 280 21.63 18.85 -24.20
CA HIS D 280 20.38 19.40 -23.65
C HIS D 280 20.43 19.65 -22.14
N LEU D 281 21.47 19.13 -21.49
CA LEU D 281 21.62 19.31 -20.05
C LEU D 281 22.38 20.59 -19.72
N LYS D 282 22.09 21.16 -18.56
CA LYS D 282 22.73 22.39 -18.13
C LYS D 282 23.67 22.12 -16.97
N LEU D 283 24.92 22.47 -17.15
CA LEU D 283 25.88 22.27 -16.09
C LEU D 283 25.60 23.32 -15.05
N PHE D 284 25.88 23.00 -13.80
CA PHE D 284 25.69 23.91 -12.68
C PHE D 284 26.74 23.55 -11.65
N THR D 285 27.36 24.56 -11.05
CA THR D 285 28.35 24.32 -10.03
C THR D 285 27.77 24.98 -8.79
N ILE D 286 27.52 24.17 -7.75
CA ILE D 286 26.91 24.66 -6.51
C ILE D 286 27.91 24.75 -5.36
N LYS D 287 27.92 25.89 -4.69
CA LYS D 287 28.84 26.11 -3.58
C LYS D 287 28.15 26.48 -2.28
N TYR D 288 28.14 25.53 -1.35
CA TYR D 288 27.54 25.74 -0.05
C TYR D 288 28.64 26.33 0.81
N VAL D 289 28.39 27.55 1.31
CA VAL D 289 29.36 28.27 2.13
C VAL D 289 28.83 28.74 3.48
N ASP D 290 29.74 28.78 4.45
CA ASP D 290 29.43 29.23 5.81
C ASP D 290 29.20 30.74 5.74
N VAL D 291 27.96 31.15 5.95
CA VAL D 291 27.59 32.57 5.90
C VAL D 291 28.31 33.40 6.96
N ASN D 292 28.90 32.71 7.95
CA ASN D 292 29.62 33.37 9.02
C ASN D 292 31.12 33.39 8.80
N THR D 293 31.67 32.25 8.39
CA THR D 293 33.11 32.15 8.18
C THR D 293 33.53 32.23 6.71
N ASN D 294 32.55 32.33 5.83
CA ASN D 294 32.79 32.42 4.39
C ASN D 294 33.71 31.28 3.91
N GLU D 295 33.59 30.13 4.56
CA GLU D 295 34.39 28.95 4.22
C GLU D 295 33.55 27.99 3.39
N LEU D 296 34.14 27.43 2.32
CA LEU D 296 33.41 26.49 1.46
C LEU D 296 33.21 25.20 2.22
N LEU D 297 31.96 24.91 2.53
CA LEU D 297 31.60 23.70 3.24
C LEU D 297 31.69 22.54 2.28
N LYS D 298 31.17 22.75 1.07
CA LYS D 298 31.18 21.73 0.04
C LYS D 298 30.71 22.33 -1.27
N SER D 299 30.97 21.61 -2.35
CA SER D 299 30.58 22.04 -3.68
C SER D 299 30.53 20.82 -4.60
N GLU D 300 29.69 20.91 -5.63
CA GLU D 300 29.55 19.84 -6.60
C GLU D 300 28.94 20.34 -7.92
N GLN D 301 29.20 19.61 -8.99
CA GLN D 301 28.69 19.98 -10.29
C GLN D 301 27.70 18.92 -10.73
N LEU D 302 26.64 19.37 -11.38
CA LEU D 302 25.59 18.47 -11.87
C LEU D 302 25.06 19.03 -13.17
N LEU D 303 24.57 18.14 -14.00
CA LEU D 303 24.00 18.53 -15.27
C LEU D 303 22.52 18.27 -15.09
N THR D 304 21.67 19.16 -15.61
CA THR D 304 20.25 18.97 -15.45
C THR D 304 19.39 19.41 -16.63
N ALA D 305 18.38 18.59 -16.90
CA ALA D 305 17.44 18.75 -17.99
C ALA D 305 16.75 20.10 -18.05
N SER D 306 16.69 20.78 -16.91
CA SER D 306 16.01 22.06 -16.84
C SER D 306 16.63 22.98 -15.81
N GLU D 307 16.34 24.27 -15.94
CA GLU D 307 16.86 25.27 -15.01
C GLU D 307 15.87 25.42 -13.86
N ARG D 308 14.65 24.95 -14.11
CA ARG D 308 13.55 24.95 -13.14
C ARG D 308 14.03 24.27 -11.84
N ASN D 309 14.74 23.15 -11.99
CA ASN D 309 15.29 22.37 -10.88
C ASN D 309 16.17 23.18 -9.95
N LEU D 310 16.46 24.42 -10.33
CA LEU D 310 17.26 25.30 -9.50
C LEU D 310 16.31 25.64 -8.37
N ASP D 311 16.30 24.78 -7.36
CA ASP D 311 15.40 24.94 -6.24
C ASP D 311 15.99 24.15 -5.07
N PHE D 312 15.33 24.21 -3.92
CA PHE D 312 15.80 23.49 -2.76
C PHE D 312 15.35 22.06 -2.69
N ARG D 313 16.13 21.26 -1.98
CA ARG D 313 15.87 19.84 -1.89
C ARG D 313 15.78 19.31 -0.48
N ASP D 314 14.69 18.58 -0.23
CA ASP D 314 14.44 17.96 1.05
C ASP D 314 14.79 16.50 0.85
N LEU D 315 15.81 16.06 1.56
CA LEU D 315 16.25 14.68 1.46
C LEU D 315 15.31 13.62 2.00
N TYR D 316 14.11 14.01 2.42
CA TYR D 316 13.13 13.04 2.88
C TYR D 316 12.09 12.98 1.76
N ASP D 317 11.96 14.11 1.06
CA ASP D 317 10.99 14.26 -0.02
C ASP D 317 11.46 13.80 -1.41
N PRO D 318 10.85 12.74 -1.92
CA PRO D 318 11.09 12.10 -3.21
C PRO D 318 10.83 12.98 -4.43
N ARG D 319 10.12 14.09 -4.22
CA ARG D 319 9.84 15.01 -5.34
C ARG D 319 11.04 15.91 -5.54
N ASP D 320 11.88 15.99 -4.51
CA ASP D 320 13.06 16.83 -4.56
C ASP D 320 14.30 16.10 -5.07
N LYS D 321 14.08 15.15 -5.95
CA LYS D 321 15.18 14.39 -6.50
C LYS D 321 16.00 15.24 -7.46
N ALA D 322 15.33 15.84 -8.45
CA ALA D 322 15.99 16.66 -9.45
C ALA D 322 16.29 18.09 -8.99
N LYS D 323 15.89 18.45 -7.78
CA LYS D 323 16.14 19.78 -7.22
C LYS D 323 17.60 19.86 -6.82
N LEU D 324 18.26 20.91 -7.29
CA LEU D 324 19.69 21.08 -7.05
C LEU D 324 20.20 21.43 -5.66
N LEU D 325 19.67 22.51 -5.09
CA LEU D 325 20.13 23.01 -3.79
C LEU D 325 19.69 22.25 -2.55
N TYR D 326 20.66 21.72 -1.81
CA TYR D 326 20.35 21.02 -0.57
C TYR D 326 19.88 22.06 0.44
N ASN D 327 20.06 21.77 1.74
CA ASN D 327 19.69 22.67 2.84
C ASN D 327 20.06 22.09 4.19
N ASN D 328 20.85 21.03 4.15
CA ASN D 328 21.22 20.34 5.36
C ASN D 328 22.70 19.97 5.39
N LEU D 329 23.18 19.38 4.30
CA LEU D 329 24.58 18.93 4.19
C LEU D 329 24.94 17.84 5.19
N ASP D 330 23.92 17.28 5.85
CA ASP D 330 24.11 16.21 6.82
C ASP D 330 24.48 14.93 6.11
N ALA D 331 23.97 14.77 4.90
CA ALA D 331 24.27 13.60 4.09
C ALA D 331 25.78 13.51 3.77
N PHE D 332 26.52 14.59 4.01
CA PHE D 332 27.95 14.62 3.73
C PHE D 332 28.83 14.82 4.96
N GLY D 333 28.26 14.60 6.14
CA GLY D 333 29.02 14.75 7.36
C GLY D 333 29.05 16.17 7.89
N ILE D 334 28.58 17.12 7.10
CA ILE D 334 28.56 18.52 7.51
C ILE D 334 27.29 18.75 8.33
N MET D 335 27.48 18.80 9.65
CA MET D 335 26.38 18.95 10.60
C MET D 335 25.84 20.34 10.97
N ASP D 336 24.54 20.34 11.27
CA ASP D 336 23.79 21.53 11.73
C ASP D 336 23.67 22.77 10.86
N TYR D 337 23.97 22.68 9.58
CA TYR D 337 23.86 23.85 8.71
C TYR D 337 22.45 23.97 8.16
N THR D 338 21.95 25.20 8.07
CA THR D 338 20.61 25.42 7.56
C THR D 338 20.62 26.41 6.41
N LEU D 339 19.72 26.18 5.46
CA LEU D 339 19.55 27.04 4.31
C LEU D 339 19.37 28.47 4.81
N THR D 340 20.30 29.34 4.47
CA THR D 340 20.21 30.74 4.87
C THR D 340 19.11 31.44 4.08
N GLY D 341 18.71 30.84 2.96
CA GLY D 341 17.68 31.43 2.13
C GLY D 341 18.29 32.46 1.22
N LYS D 342 19.62 32.52 1.19
CA LYS D 342 20.33 33.47 0.34
C LYS D 342 21.21 32.71 -0.64
N VAL D 343 21.01 32.95 -1.93
CA VAL D 343 21.80 32.30 -2.97
C VAL D 343 22.34 33.33 -3.95
N GLU D 344 23.61 33.15 -4.33
CA GLU D 344 24.28 34.05 -5.26
C GLU D 344 24.48 33.38 -6.62
N ASP D 345 23.63 33.74 -7.59
CA ASP D 345 23.67 33.20 -8.95
C ASP D 345 24.43 34.16 -9.87
N ASN D 346 25.68 33.83 -10.21
CA ASN D 346 26.47 34.71 -11.09
C ASN D 346 25.82 34.94 -12.46
N HIS D 347 24.77 34.16 -12.71
CA HIS D 347 23.98 34.21 -13.92
C HIS D 347 24.68 33.88 -15.21
N ASP D 348 26.01 33.80 -15.14
CA ASP D 348 26.84 33.48 -16.31
C ASP D 348 26.31 32.17 -16.85
N ASP D 349 25.60 32.27 -17.96
CA ASP D 349 25.01 31.10 -18.57
C ASP D 349 26.04 30.07 -18.99
N THR D 350 27.25 30.52 -19.30
CA THR D 350 28.31 29.59 -19.71
C THR D 350 28.92 28.96 -18.46
N ASN D 351 29.08 29.76 -17.42
CA ASN D 351 29.67 29.29 -16.17
C ASN D 351 28.70 29.52 -14.99
N ARG D 352 27.70 28.65 -14.88
CA ARG D 352 26.69 28.74 -13.82
C ARG D 352 27.14 28.30 -12.44
N ILE D 353 27.52 29.28 -11.63
CA ILE D 353 27.95 29.01 -10.28
C ILE D 353 26.94 29.58 -9.32
N ILE D 354 26.35 28.72 -8.51
CA ILE D 354 25.37 29.14 -7.54
C ILE D 354 26.02 29.03 -6.19
N THR D 355 25.88 30.09 -5.40
CA THR D 355 26.47 30.08 -4.08
C THR D 355 25.36 30.01 -3.05
N VAL D 356 25.16 28.81 -2.53
CA VAL D 356 24.15 28.55 -1.52
C VAL D 356 24.74 28.84 -0.15
N TYR D 357 24.18 29.86 0.49
CA TYR D 357 24.61 30.28 1.82
C TYR D 357 24.00 29.41 2.91
N MET D 358 24.84 29.04 3.88
CA MET D 358 24.42 28.16 4.96
C MET D 358 25.04 28.54 6.29
N GLY D 359 24.26 28.43 7.36
CA GLY D 359 24.77 28.76 8.68
C GLY D 359 24.40 27.72 9.72
N LYS D 360 25.00 27.85 10.90
CA LYS D 360 24.72 26.92 11.99
C LYS D 360 23.31 27.16 12.58
N ARG D 361 22.86 26.22 13.41
CA ARG D 361 21.52 26.30 13.98
C ARG D 361 21.27 27.27 15.14
#